data_4BVH
#
_entry.id   4BVH
#
_cell.length_a   63.710
_cell.length_b   66.530
_cell.length_c   201.240
_cell.angle_alpha   90.00
_cell.angle_beta   90.00
_cell.angle_gamma   90.00
#
_symmetry.space_group_name_H-M   'P 21 21 21'
#
loop_
_entity.id
_entity.type
_entity.pdbx_description
1 polymer 'NAD-DEPENDENT PROTEIN DEACETYLASE SIRTUIN-3, MITOCHONDRIAL'
2 non-polymer '(1S)-6-chloro-2,3,4,9-tetrahydro-1H-carbazole-1- carboxamide'
3 non-polymer "2'-O-ACETYL ADENOSINE-5-DIPHOSPHORIBOSE"
4 non-polymer 'ZINC ION'
5 non-polymer 'SODIUM ION'
6 non-polymer 'CHLORIDE ION'
7 non-polymer '[(2R,3S,4R,5R)-5-(6-AMINOPURIN-9-YL)-3,4-DIHYDROXY-OXOLAN-2-YL]METHYL [HYDROXY-[[(2R,3S,4R,5S)-3,4,5-TRIHYDROXYOXOLAN-2-YL]METHOXY]PHOSPHORYL] HYDROGEN PHOSPHATE'
8 non-polymer 1,2-ETHANEDIOL
9 non-polymer GLYCEROL
10 water water
#
_entity_poly.entity_id   1
_entity_poly.type   'polypeptide(L)'
_entity_poly.pdbx_seq_one_letter_code
;GSSDKGKLSLQDVAELIRARACQRVVVMVGAGISTPSGIPDFRSPGSGLYSNLQQYDLPYPEAIFELPFFFHNPKPFFTL
AKELYPGNYKPNVTHYFLRLLHDKGLLLRLYTQNIDGLERVSGIPASKLVEAHGTFASATCTVCQRPFPGEDIRADVMAD
RVPRCPVCTGVVKPDIVFFGEPLPQRFLLHVVDFPMADLLLILGTSLEVEPFASLTEAVRSSVPRLLINRDLVGPLAWHP
RSRDVAQLGDVVHGVESLVELLGWTEEMRDLVQRETGKLDGPDK
;
_entity_poly.pdbx_strand_id   A,B,C
#
# COMPACT_ATOMS: atom_id res chain seq x y z
N GLY A 6 56.22 -7.63 -0.76
CA GLY A 6 55.83 -6.56 0.22
C GLY A 6 54.43 -6.04 -0.07
N LYS A 7 53.39 -6.87 0.13
CA LYS A 7 52.03 -6.43 -0.22
C LYS A 7 51.00 -6.83 0.85
N LEU A 8 49.85 -6.16 0.88
CA LEU A 8 48.70 -6.71 1.61
C LEU A 8 48.35 -8.08 1.09
N SER A 9 47.86 -8.96 1.99
CA SER A 9 47.42 -10.26 1.60
C SER A 9 45.88 -10.27 1.49
N LEU A 10 45.29 -11.36 1.01
CA LEU A 10 43.80 -11.45 0.97
C LEU A 10 43.29 -11.48 2.42
N GLN A 11 44.02 -12.21 3.31
CA GLN A 11 43.69 -12.09 4.74
C GLN A 11 43.65 -10.68 5.34
N ASP A 12 44.62 -9.83 4.98
CA ASP A 12 44.60 -8.45 5.43
C ASP A 12 43.31 -7.76 5.01
N VAL A 13 42.85 -8.03 3.81
CA VAL A 13 41.57 -7.40 3.37
C VAL A 13 40.40 -7.91 4.19
N ALA A 14 40.34 -9.22 4.35
CA ALA A 14 39.29 -9.82 5.24
C ALA A 14 39.31 -9.20 6.62
N GLU A 15 40.52 -9.03 7.19
CA GLU A 15 40.62 -8.53 8.56
C GLU A 15 40.25 -7.05 8.64
N LEU A 16 40.50 -6.28 7.59
CA LEU A 16 39.96 -4.90 7.58
C LEU A 16 38.44 -4.87 7.65
N ILE A 17 37.83 -5.76 6.90
CA ILE A 17 36.36 -5.86 6.86
C ILE A 17 35.78 -6.36 8.20
N ARG A 18 36.37 -7.44 8.72
CA ARG A 18 36.01 -7.98 10.05
C ARG A 18 36.06 -6.92 11.12
N ALA A 19 37.09 -6.09 11.12
CA ALA A 19 37.24 -5.05 12.13
C ALA A 19 36.30 -3.83 11.88
N ARG A 20 35.57 -3.85 10.76
CA ARG A 20 34.84 -2.68 10.27
C ARG A 20 35.74 -1.42 10.24
N ALA A 21 37.03 -1.66 10.00
CA ALA A 21 37.95 -0.63 9.55
C ALA A 21 37.64 -0.24 8.07
N CYS A 22 37.12 -1.20 7.32
CA CYS A 22 36.51 -0.91 6.02
C CYS A 22 35.07 -1.20 6.14
N GLN A 23 34.22 -0.18 6.01
CA GLN A 23 32.77 -0.42 6.07
C GLN A 23 31.93 0.35 5.03
N ARG A 24 32.62 0.90 4.06
CA ARG A 24 31.96 1.61 2.99
CA ARG A 24 31.99 1.63 2.98
C ARG A 24 32.57 1.05 1.71
N VAL A 25 32.16 -0.18 1.35
CA VAL A 25 32.83 -0.89 0.23
C VAL A 25 32.14 -0.52 -1.08
N VAL A 26 32.93 -0.08 -2.07
CA VAL A 26 32.42 0.10 -3.40
C VAL A 26 32.88 -1.07 -4.25
N VAL A 27 31.95 -1.70 -4.96
CA VAL A 27 32.29 -2.82 -5.79
C VAL A 27 32.05 -2.51 -7.22
N MET A 28 32.94 -2.99 -8.06
CA MET A 28 32.79 -2.86 -9.52
C MET A 28 32.86 -4.25 -10.09
N VAL A 29 31.87 -4.60 -10.94
CA VAL A 29 31.85 -5.92 -11.56
C VAL A 29 31.67 -5.85 -13.09
N GLY A 30 32.11 -6.90 -13.74
CA GLY A 30 31.75 -7.13 -15.15
C GLY A 30 31.41 -8.59 -15.43
N ALA A 31 31.60 -8.99 -16.70
CA ALA A 31 30.96 -10.18 -17.27
C ALA A 31 31.55 -11.46 -16.70
N GLY A 32 32.79 -11.34 -16.23
CA GLY A 32 33.47 -12.46 -15.57
C GLY A 32 32.69 -12.96 -14.35
N ILE A 33 31.92 -12.12 -13.66
CA ILE A 33 31.21 -12.68 -12.51
C ILE A 33 30.02 -13.59 -12.86
N SER A 34 29.61 -13.57 -14.12
CA SER A 34 28.43 -14.29 -14.57
C SER A 34 28.77 -15.51 -15.45
N THR A 35 30.04 -15.65 -15.78
CA THR A 35 30.45 -16.90 -16.43
C THR A 35 30.16 -18.13 -15.58
N PRO A 36 30.35 -18.07 -14.25
CA PRO A 36 29.92 -19.21 -13.43
C PRO A 36 28.41 -19.46 -13.42
N SER A 37 27.58 -18.48 -13.83
CA SER A 37 26.17 -18.73 -13.93
C SER A 37 25.79 -19.30 -15.28
N GLY A 38 26.74 -19.37 -16.19
CA GLY A 38 26.50 -19.90 -17.54
C GLY A 38 26.38 -18.89 -18.66
N ILE A 39 26.77 -17.63 -18.43
CA ILE A 39 26.75 -16.56 -19.43
C ILE A 39 28.17 -16.28 -19.90
N PRO A 40 28.44 -16.37 -21.22
CA PRO A 40 29.81 -16.08 -21.67
C PRO A 40 30.17 -14.61 -21.35
N ASP A 41 31.47 -14.29 -21.22
CA ASP A 41 31.95 -12.91 -21.21
C ASP A 41 32.22 -12.39 -22.62
N PHE A 42 32.92 -11.28 -22.74
CA PHE A 42 33.32 -10.78 -24.07
C PHE A 42 34.59 -11.33 -24.66
N ARG A 43 35.64 -11.32 -23.86
CA ARG A 43 37.00 -11.28 -24.34
C ARG A 43 37.77 -12.57 -23.98
N SER A 44 37.17 -13.51 -23.23
CA SER A 44 37.84 -14.76 -22.96
C SER A 44 38.09 -15.49 -24.28
N PRO A 45 39.35 -15.93 -24.50
CA PRO A 45 39.74 -16.70 -25.68
C PRO A 45 38.90 -17.96 -25.72
N GLY A 46 38.48 -18.38 -26.90
CA GLY A 46 37.65 -19.58 -27.01
C GLY A 46 36.16 -19.45 -26.73
N SER A 47 35.78 -18.88 -25.58
CA SER A 47 34.36 -18.89 -25.20
C SER A 47 33.74 -17.47 -25.19
N GLY A 48 34.54 -16.42 -25.21
CA GLY A 48 34.00 -15.06 -25.19
C GLY A 48 33.06 -14.74 -26.36
N LEU A 49 32.13 -13.81 -26.15
CA LEU A 49 31.27 -13.36 -27.26
C LEU A 49 32.07 -12.89 -28.45
N TYR A 50 33.08 -12.06 -28.21
CA TYR A 50 33.71 -11.35 -29.31
C TYR A 50 34.54 -12.33 -30.16
N SER A 51 34.67 -13.59 -29.69
CA SER A 51 35.42 -14.62 -30.40
C SER A 51 34.48 -15.54 -31.16
N ASN A 52 33.18 -15.45 -30.90
CA ASN A 52 32.27 -16.49 -31.32
C ASN A 52 31.00 -15.96 -31.95
N LEU A 53 31.09 -14.73 -32.47
CA LEU A 53 29.95 -14.14 -33.18
C LEU A 53 30.07 -14.20 -34.74
N GLN A 54 30.91 -15.10 -35.28
CA GLN A 54 31.03 -15.33 -36.75
C GLN A 54 29.66 -15.49 -37.46
N GLN A 55 28.72 -16.20 -36.81
CA GLN A 55 27.42 -16.55 -37.43
C GLN A 55 26.49 -15.38 -37.64
N TYR A 56 26.63 -14.37 -36.79
CA TYR A 56 25.70 -13.24 -36.80
C TYR A 56 25.95 -12.29 -37.96
N ASP A 57 24.97 -11.45 -38.26
CA ASP A 57 25.12 -10.63 -39.46
C ASP A 57 25.90 -9.37 -39.10
N LEU A 58 27.22 -9.49 -38.90
CA LEU A 58 27.97 -8.34 -38.35
C LEU A 58 29.19 -7.95 -39.15
N PRO A 59 29.39 -6.65 -39.35
CA PRO A 59 30.63 -6.04 -39.82
C PRO A 59 31.85 -6.35 -38.93
N TYR A 60 31.62 -6.50 -37.64
CA TYR A 60 32.62 -6.92 -36.66
C TYR A 60 31.78 -7.17 -35.40
N PRO A 61 32.28 -7.98 -34.46
CA PRO A 61 31.45 -8.44 -33.28
C PRO A 61 30.88 -7.32 -32.36
N GLU A 62 31.67 -6.27 -32.09
CA GLU A 62 31.19 -5.12 -31.31
C GLU A 62 29.89 -4.52 -31.81
N ALA A 63 29.63 -4.69 -33.10
CA ALA A 63 28.43 -4.14 -33.78
C ALA A 63 27.08 -4.53 -33.16
N ILE A 64 26.98 -5.75 -32.61
CA ILE A 64 25.73 -6.26 -32.04
C ILE A 64 25.26 -5.42 -30.85
N PHE A 65 26.20 -4.72 -30.25
CA PHE A 65 25.90 -3.89 -29.08
C PHE A 65 26.09 -2.41 -29.35
N GLU A 66 26.02 -2.04 -30.64
CA GLU A 66 26.08 -0.67 -31.15
C GLU A 66 24.71 -0.19 -31.68
N LEU A 67 24.32 0.99 -31.20
CA LEU A 67 23.06 1.61 -31.57
C LEU A 67 22.94 1.82 -33.09
N PRO A 68 23.95 2.45 -33.74
CA PRO A 68 23.91 2.56 -35.19
C PRO A 68 23.53 1.27 -35.90
N PHE A 69 24.38 0.24 -35.82
CA PHE A 69 24.05 -1.05 -36.47
C PHE A 69 22.67 -1.61 -36.08
N PHE A 70 22.23 -1.33 -34.85
CA PHE A 70 20.92 -1.84 -34.37
C PHE A 70 19.81 -1.28 -35.30
N PHE A 71 19.80 0.04 -35.51
CA PHE A 71 18.91 0.65 -36.53
C PHE A 71 18.95 -0.03 -37.90
N HIS A 72 20.13 -0.22 -38.50
CA HIS A 72 20.23 -1.08 -39.71
C HIS A 72 19.48 -2.41 -39.55
N ASN A 73 19.94 -3.25 -38.62
CA ASN A 73 19.36 -4.57 -38.40
C ASN A 73 19.36 -4.77 -36.91
N PRO A 74 18.16 -4.82 -36.29
CA PRO A 74 18.05 -5.14 -34.85
C PRO A 74 17.94 -6.66 -34.62
N LYS A 75 17.81 -7.45 -35.69
CA LYS A 75 17.66 -8.91 -35.57
C LYS A 75 18.81 -9.63 -34.83
N PRO A 76 20.07 -9.37 -35.21
CA PRO A 76 21.15 -10.07 -34.47
C PRO A 76 21.04 -9.75 -32.96
N PHE A 77 20.96 -8.48 -32.58
CA PHE A 77 20.78 -8.19 -31.15
C PHE A 77 19.62 -8.99 -30.54
N PHE A 78 18.39 -8.93 -31.08
CA PHE A 78 17.27 -9.68 -30.43
C PHE A 78 17.41 -11.21 -30.52
N THR A 79 18.07 -11.70 -31.58
CA THR A 79 18.38 -13.15 -31.70
C THR A 79 19.19 -13.57 -30.50
N LEU A 80 20.28 -12.84 -30.29
CA LEU A 80 21.15 -13.12 -29.16
C LEU A 80 20.45 -12.93 -27.82
N ALA A 81 19.65 -11.87 -27.68
CA ALA A 81 18.96 -11.54 -26.38
C ALA A 81 17.85 -12.49 -25.97
N LYS A 82 17.44 -13.39 -26.85
CA LYS A 82 16.50 -14.44 -26.43
C LYS A 82 17.09 -15.14 -25.18
N GLU A 83 18.33 -15.60 -25.36
CA GLU A 83 19.15 -16.24 -24.35
C GLU A 83 19.39 -15.31 -23.14
N LEU A 84 20.14 -14.24 -23.38
CA LEU A 84 20.56 -13.30 -22.32
C LEU A 84 19.44 -12.73 -21.48
N TYR A 85 18.19 -12.90 -21.93
CA TYR A 85 17.04 -12.29 -21.25
C TYR A 85 16.81 -12.96 -19.92
N PRO A 86 16.69 -12.16 -18.84
CA PRO A 86 16.44 -12.66 -17.49
C PRO A 86 15.26 -13.62 -17.27
N GLY A 87 15.52 -14.63 -16.42
CA GLY A 87 14.66 -15.76 -16.15
C GLY A 87 15.48 -17.05 -16.22
N ASN A 88 16.34 -17.19 -17.22
CA ASN A 88 16.99 -18.48 -17.37
C ASN A 88 18.38 -18.70 -16.75
N TYR A 89 18.96 -17.70 -16.10
CA TYR A 89 20.23 -17.94 -15.37
C TYR A 89 19.97 -17.55 -13.97
N LYS A 90 20.77 -18.10 -13.07
CA LYS A 90 20.58 -17.80 -11.66
C LYS A 90 21.85 -17.14 -11.15
N PRO A 91 21.74 -16.35 -10.08
CA PRO A 91 22.97 -15.76 -9.53
C PRO A 91 23.88 -16.87 -9.02
N ASN A 92 25.18 -16.64 -8.97
CA ASN A 92 26.11 -17.62 -8.38
C ASN A 92 26.68 -17.11 -7.02
N VAL A 93 27.64 -17.81 -6.43
CA VAL A 93 28.22 -17.42 -5.13
CA VAL A 93 28.11 -17.38 -5.11
C VAL A 93 28.77 -15.99 -5.14
N THR A 94 29.29 -15.61 -6.30
CA THR A 94 29.84 -14.23 -6.47
C THR A 94 28.76 -13.19 -6.14
N HIS A 95 27.59 -13.37 -6.75
CA HIS A 95 26.47 -12.47 -6.52
C HIS A 95 26.04 -12.57 -5.07
N TYR A 96 25.97 -13.79 -4.50
CA TYR A 96 25.42 -13.91 -3.13
C TYR A 96 26.43 -13.36 -2.12
N PHE A 97 27.69 -13.39 -2.46
CA PHE A 97 28.68 -12.73 -1.56
C PHE A 97 28.38 -11.22 -1.44
N LEU A 98 28.04 -10.62 -2.57
CA LEU A 98 27.76 -9.19 -2.59
C LEU A 98 26.44 -8.92 -1.82
N ARG A 99 25.48 -9.82 -2.01
CA ARG A 99 24.27 -9.79 -1.15
C ARG A 99 24.62 -9.84 0.33
N LEU A 100 25.48 -10.80 0.71
CA LEU A 100 25.91 -10.86 2.12
C LEU A 100 26.61 -9.57 2.57
N LEU A 101 27.45 -8.96 1.73
CA LEU A 101 28.05 -7.70 2.09
C LEU A 101 27.05 -6.65 2.35
N HIS A 102 26.04 -6.60 1.48
CA HIS A 102 24.92 -5.64 1.67
C HIS A 102 24.19 -5.86 2.99
N ASP A 103 23.83 -7.13 3.25
CA ASP A 103 23.10 -7.48 4.48
C ASP A 103 23.81 -7.19 5.75
N LYS A 104 25.16 -7.23 5.73
CA LYS A 104 25.99 -6.92 6.89
C LYS A 104 26.27 -5.43 7.00
N GLY A 105 25.69 -4.62 6.11
CA GLY A 105 25.75 -3.20 6.25
C GLY A 105 27.07 -2.65 5.70
N LEU A 106 27.73 -3.37 4.78
CA LEU A 106 29.07 -2.96 4.39
C LEU A 106 29.09 -2.35 2.98
N LEU A 107 28.00 -2.45 2.24
CA LEU A 107 28.09 -2.12 0.81
C LEU A 107 27.62 -0.67 0.60
N LEU A 108 28.54 0.16 0.14
CA LEU A 108 28.19 1.56 -0.20
CA LEU A 108 28.20 1.56 -0.19
C LEU A 108 27.44 1.56 -1.52
N ARG A 109 28.02 0.91 -2.54
CA ARG A 109 27.36 0.81 -3.84
C ARG A 109 28.04 -0.31 -4.66
N LEU A 110 27.22 -0.93 -5.49
CA LEU A 110 27.67 -1.90 -6.49
C LEU A 110 27.47 -1.36 -7.90
N TYR A 111 28.57 -1.18 -8.65
CA TYR A 111 28.53 -0.67 -10.01
C TYR A 111 28.71 -1.88 -10.90
N THR A 112 27.73 -2.15 -11.74
CA THR A 112 27.85 -3.26 -12.64
C THR A 112 27.83 -2.82 -14.13
N GLN A 113 28.66 -3.48 -14.91
CA GLN A 113 28.65 -3.34 -16.38
C GLN A 113 27.72 -4.34 -17.04
N ASN A 114 27.26 -5.34 -16.30
CA ASN A 114 26.43 -6.42 -16.86
C ASN A 114 24.99 -5.99 -17.10
N ILE A 115 24.38 -6.57 -18.15
CA ILE A 115 22.93 -6.39 -18.42
C ILE A 115 22.13 -7.61 -18.02
N ASP A 116 22.77 -8.64 -17.44
CA ASP A 116 22.04 -9.90 -17.12
C ASP A 116 21.06 -9.72 -15.94
N GLY A 117 21.21 -8.61 -15.20
CA GLY A 117 20.30 -8.31 -14.09
C GLY A 117 20.44 -9.18 -12.83
N LEU A 118 21.52 -9.97 -12.77
CA LEU A 118 21.66 -10.97 -11.71
C LEU A 118 21.94 -10.35 -10.36
N GLU A 119 22.45 -9.10 -10.33
CA GLU A 119 22.61 -8.42 -9.03
C GLU A 119 21.24 -8.17 -8.38
N ARG A 120 20.35 -7.55 -9.15
CA ARG A 120 18.96 -7.42 -8.67
C ARG A 120 18.31 -8.78 -8.29
N VAL A 121 18.51 -9.80 -9.13
CA VAL A 121 17.98 -11.15 -8.87
C VAL A 121 18.47 -11.66 -7.50
N SER A 122 19.73 -11.37 -7.16
CA SER A 122 20.35 -11.88 -5.95
C SER A 122 19.86 -11.11 -4.75
N GLY A 123 19.02 -10.11 -4.98
CA GLY A 123 18.44 -9.39 -3.85
C GLY A 123 19.17 -8.13 -3.43
N ILE A 124 20.01 -7.59 -4.29
CA ILE A 124 20.62 -6.27 -4.00
CA ILE A 124 20.58 -6.27 -3.95
C ILE A 124 19.59 -5.15 -4.26
N PRO A 125 19.28 -4.31 -3.25
CA PRO A 125 18.25 -3.31 -3.47
C PRO A 125 18.66 -2.30 -4.55
N ALA A 126 17.67 -1.78 -5.28
CA ALA A 126 17.94 -0.89 -6.42
C ALA A 126 18.77 0.33 -5.97
N SER A 127 18.50 0.82 -4.76
CA SER A 127 19.18 2.01 -4.25
C SER A 127 20.69 1.78 -4.10
N LYS A 128 21.09 0.49 -3.93
CA LYS A 128 22.52 0.11 -3.76
CA LYS A 128 22.52 0.16 -3.77
C LYS A 128 23.21 -0.17 -5.07
N LEU A 129 22.45 -0.17 -6.18
CA LEU A 129 22.94 -0.65 -7.46
CA LEU A 129 22.95 -0.66 -7.46
C LEU A 129 23.05 0.46 -8.51
N VAL A 130 24.12 0.40 -9.27
CA VAL A 130 24.22 1.30 -10.42
C VAL A 130 24.40 0.37 -11.57
N GLU A 131 23.31 0.11 -12.28
CA GLU A 131 23.40 -0.67 -13.50
C GLU A 131 23.92 0.24 -14.61
N ALA A 132 25.24 0.25 -14.78
CA ALA A 132 25.87 1.23 -15.66
C ALA A 132 25.61 1.04 -17.13
N HIS A 133 25.16 -0.15 -17.54
CA HIS A 133 24.74 -0.41 -18.95
C HIS A 133 23.26 -0.69 -19.12
N GLY A 134 22.47 -0.26 -18.15
CA GLY A 134 21.04 -0.34 -18.23
C GLY A 134 20.51 -1.69 -17.82
N THR A 135 19.33 -2.03 -18.36
CA THR A 135 18.55 -3.14 -17.84
C THR A 135 17.54 -3.54 -18.84
N PHE A 136 17.15 -4.83 -18.78
CA PHE A 136 16.03 -5.38 -19.53
C PHE A 136 14.69 -5.20 -18.84
N ALA A 137 14.70 -4.55 -17.67
CA ALA A 137 13.53 -4.53 -16.80
C ALA A 137 12.48 -3.59 -17.39
N SER A 138 12.97 -2.63 -18.16
CA SER A 138 12.13 -1.70 -18.93
C SER A 138 12.56 -1.54 -20.40
N ALA A 139 11.61 -1.09 -21.22
CA ALA A 139 11.86 -0.96 -22.64
C ALA A 139 11.35 0.40 -23.18
N THR A 140 11.79 0.74 -24.40
CA THR A 140 11.54 2.06 -24.99
C THR A 140 11.50 2.14 -26.53
N CYS A 141 10.34 2.56 -27.05
CA CYS A 141 10.22 2.84 -28.49
C CYS A 141 11.32 3.78 -28.99
N THR A 142 12.02 3.32 -30.03
CA THR A 142 13.09 4.04 -30.69
C THR A 142 12.55 5.11 -31.66
N VAL A 143 11.24 5.08 -31.94
CA VAL A 143 10.60 6.13 -32.77
C VAL A 143 9.93 7.15 -31.84
N CYS A 144 8.87 6.74 -31.13
CA CYS A 144 8.10 7.68 -30.29
C CYS A 144 8.53 7.89 -28.83
N GLN A 145 9.39 7.02 -28.27
CA GLN A 145 9.90 7.12 -26.88
C GLN A 145 8.93 6.65 -25.80
N ARG A 146 7.80 6.09 -26.20
CA ARG A 146 6.86 5.53 -25.23
C ARG A 146 7.55 4.41 -24.42
N PRO A 147 7.46 4.45 -23.08
CA PRO A 147 8.04 3.38 -22.26
C PRO A 147 7.12 2.16 -22.20
N PHE A 148 7.69 0.97 -22.02
CA PHE A 148 6.86 -0.24 -21.99
C PHE A 148 7.16 -1.20 -20.84
N PRO A 149 6.16 -2.04 -20.46
CA PRO A 149 6.41 -3.17 -19.54
C PRO A 149 7.52 -4.04 -20.12
N GLY A 150 8.69 -3.99 -19.46
CA GLY A 150 9.83 -4.85 -19.77
C GLY A 150 9.31 -6.21 -20.14
N GLU A 151 8.42 -6.75 -19.30
CA GLU A 151 7.83 -8.12 -19.42
C GLU A 151 7.12 -8.37 -20.76
N ASP A 152 6.36 -7.36 -21.19
CA ASP A 152 5.60 -7.40 -22.47
C ASP A 152 6.49 -7.57 -23.69
N ILE A 153 7.62 -6.86 -23.68
CA ILE A 153 8.65 -7.00 -24.72
C ILE A 153 9.21 -8.43 -24.74
N ARG A 154 9.39 -9.03 -23.55
CA ARG A 154 9.90 -10.40 -23.44
C ARG A 154 8.99 -11.38 -24.16
N ALA A 155 7.68 -11.26 -23.96
CA ALA A 155 6.74 -12.13 -24.67
C ALA A 155 7.16 -12.23 -26.13
N ASP A 156 7.26 -11.08 -26.81
CA ASP A 156 7.73 -10.98 -28.19
C ASP A 156 9.09 -11.60 -28.47
N VAL A 157 10.09 -11.21 -27.66
CA VAL A 157 11.48 -11.72 -27.82
C VAL A 157 11.56 -13.24 -27.71
N MET A 158 10.84 -13.83 -26.75
CA MET A 158 10.88 -15.27 -26.58
C MET A 158 10.19 -16.00 -27.74
N ALA A 159 9.20 -15.35 -28.33
CA ALA A 159 8.52 -15.93 -29.48
C ALA A 159 9.15 -15.47 -30.81
N ASP A 160 10.44 -15.13 -30.76
CA ASP A 160 11.24 -14.87 -31.96
C ASP A 160 10.81 -13.62 -32.80
N ARG A 161 10.01 -12.74 -32.20
CA ARG A 161 9.52 -11.53 -32.90
C ARG A 161 10.24 -10.25 -32.47
N VAL A 162 10.59 -9.43 -33.46
CA VAL A 162 11.12 -8.10 -33.22
C VAL A 162 10.04 -7.19 -32.64
N PRO A 163 10.24 -6.71 -31.39
CA PRO A 163 9.22 -5.89 -30.70
C PRO A 163 8.95 -4.60 -31.45
N ARG A 164 7.68 -4.40 -31.75
CA ARG A 164 7.24 -3.15 -32.39
C ARG A 164 6.22 -2.43 -31.49
N CYS A 165 6.28 -1.11 -31.51
CA CYS A 165 5.41 -0.31 -30.68
C CYS A 165 3.92 -0.58 -31.05
N PRO A 166 3.06 -0.91 -30.05
CA PRO A 166 1.62 -1.03 -30.36
C PRO A 166 1.00 0.29 -30.83
N VAL A 167 1.75 1.38 -30.74
CA VAL A 167 1.27 2.71 -31.15
C VAL A 167 1.82 3.14 -32.53
N CYS A 168 3.14 3.31 -32.66
CA CYS A 168 3.71 3.80 -33.93
C CYS A 168 4.30 2.69 -34.86
N THR A 169 4.21 1.44 -34.41
CA THR A 169 4.97 0.26 -34.97
C THR A 169 6.54 0.35 -35.09
N GLY A 170 7.14 1.42 -34.55
CA GLY A 170 8.60 1.57 -34.51
C GLY A 170 9.19 0.46 -33.62
N VAL A 171 10.46 0.15 -33.82
CA VAL A 171 11.13 -0.90 -33.02
C VAL A 171 11.22 -0.47 -31.52
N VAL A 172 10.77 -1.35 -30.61
CA VAL A 172 10.95 -1.13 -29.15
C VAL A 172 12.29 -1.82 -28.75
N LYS A 173 13.17 -1.04 -28.11
CA LYS A 173 14.53 -1.49 -27.66
C LYS A 173 14.55 -1.58 -26.12
N PRO A 174 15.05 -2.69 -25.53
CA PRO A 174 15.13 -2.65 -24.05
C PRO A 174 16.09 -1.56 -23.61
N ASP A 175 15.97 -1.07 -22.37
CA ASP A 175 16.76 0.06 -21.86
CA ASP A 175 16.79 0.08 -21.93
C ASP A 175 18.24 -0.26 -21.53
N ILE A 176 18.94 -0.87 -22.48
CA ILE A 176 20.37 -1.24 -22.46
C ILE A 176 21.18 -0.13 -23.09
N VAL A 177 22.32 0.21 -22.48
CA VAL A 177 23.23 1.17 -23.04
C VAL A 177 24.08 0.48 -24.07
N PHE A 178 23.77 0.78 -25.32
CA PHE A 178 24.59 0.36 -26.45
C PHE A 178 25.86 1.21 -26.50
N PHE A 179 26.87 0.73 -27.23
CA PHE A 179 28.13 1.45 -27.48
C PHE A 179 27.90 2.87 -27.95
N GLY A 180 28.69 3.77 -27.36
CA GLY A 180 28.64 5.17 -27.67
C GLY A 180 27.49 5.94 -27.05
N GLU A 181 26.49 5.23 -26.51
CA GLU A 181 25.29 5.88 -25.93
C GLU A 181 25.61 6.52 -24.55
N PRO A 182 24.87 7.60 -24.15
CA PRO A 182 25.00 8.12 -22.77
C PRO A 182 24.80 7.08 -21.64
N LEU A 183 25.67 7.14 -20.63
CA LEU A 183 25.44 6.35 -19.43
C LEU A 183 24.19 6.74 -18.69
N PRO A 184 23.63 5.83 -17.92
CA PRO A 184 22.42 6.13 -17.27
C PRO A 184 22.56 7.19 -16.17
N GLN A 185 21.43 7.82 -15.86
CA GLN A 185 21.40 8.87 -14.85
C GLN A 185 22.04 8.48 -13.48
N ARG A 186 21.78 7.24 -13.03
CA ARG A 186 22.34 6.79 -11.76
C ARG A 186 23.87 6.71 -11.75
N PHE A 187 24.48 6.74 -12.91
CA PHE A 187 25.95 6.70 -13.00
C PHE A 187 26.51 7.97 -12.31
N LEU A 188 25.70 9.03 -12.21
CA LEU A 188 26.18 10.28 -11.60
C LEU A 188 26.56 10.07 -10.13
N LEU A 189 26.06 8.99 -9.52
CA LEU A 189 26.39 8.71 -8.12
C LEU A 189 27.87 8.44 -7.90
N HIS A 190 28.63 8.19 -8.95
CA HIS A 190 30.07 7.93 -8.72
C HIS A 190 30.79 9.12 -8.12
N VAL A 191 30.26 10.34 -8.33
CA VAL A 191 30.95 11.47 -7.69
C VAL A 191 30.81 11.56 -6.14
N VAL A 192 29.69 11.11 -5.56
CA VAL A 192 29.54 11.05 -4.12
C VAL A 192 30.21 9.76 -3.60
N ASP A 193 30.11 8.67 -4.38
CA ASP A 193 30.59 7.32 -3.94
C ASP A 193 32.07 7.05 -3.84
N PHE A 194 32.81 7.35 -4.92
CA PHE A 194 34.22 6.96 -5.01
C PHE A 194 35.12 7.66 -3.97
N PRO A 195 34.93 8.98 -3.77
CA PRO A 195 35.67 9.62 -2.67
C PRO A 195 35.31 9.07 -1.28
N MET A 196 34.11 8.52 -1.10
CA MET A 196 33.73 8.02 0.20
C MET A 196 34.13 6.56 0.45
N ALA A 197 34.53 5.88 -0.57
CA ALA A 197 34.77 4.45 -0.44
C ALA A 197 36.02 4.25 0.48
N ASP A 198 35.93 3.24 1.35
CA ASP A 198 37.11 2.86 2.13
C ASP A 198 37.73 1.52 1.71
N LEU A 199 37.12 0.86 0.71
CA LEU A 199 37.68 -0.31 0.12
C LEU A 199 37.07 -0.39 -1.26
N LEU A 200 37.85 -0.74 -2.27
CA LEU A 200 37.31 -1.03 -3.60
C LEU A 200 37.51 -2.51 -3.93
N LEU A 201 36.45 -3.17 -4.37
CA LEU A 201 36.53 -4.57 -4.85
C LEU A 201 36.20 -4.56 -6.31
N ILE A 202 37.02 -5.22 -7.11
CA ILE A 202 36.80 -5.23 -8.56
C ILE A 202 36.76 -6.71 -8.94
N LEU A 203 35.66 -7.16 -9.53
CA LEU A 203 35.48 -8.58 -9.80
C LEU A 203 35.13 -8.83 -11.25
N GLY A 204 35.85 -9.74 -11.91
CA GLY A 204 35.42 -10.31 -13.17
C GLY A 204 35.26 -9.24 -14.25
N THR A 205 36.22 -8.33 -14.39
CA THR A 205 36.12 -7.35 -15.47
C THR A 205 37.53 -7.19 -16.03
N SER A 206 37.61 -6.97 -17.34
CA SER A 206 38.94 -6.72 -17.98
C SER A 206 39.36 -5.26 -17.84
N LEU A 207 38.45 -4.39 -17.43
CA LEU A 207 38.77 -2.96 -17.26
C LEU A 207 39.32 -2.31 -18.57
N GLU A 208 38.84 -2.80 -19.71
CA GLU A 208 39.24 -2.28 -21.00
C GLU A 208 38.36 -1.15 -21.46
N VAL A 209 37.17 -1.05 -20.91
CA VAL A 209 36.25 -0.03 -21.38
C VAL A 209 36.18 1.08 -20.36
N GLU A 210 36.22 2.30 -20.86
CA GLU A 210 35.96 3.49 -20.07
C GLU A 210 34.44 3.62 -19.97
N PRO A 211 33.93 4.19 -18.87
CA PRO A 211 34.53 4.83 -17.71
C PRO A 211 35.02 3.90 -16.59
N PHE A 212 34.74 2.60 -16.64
CA PHE A 212 35.15 1.71 -15.54
C PHE A 212 36.67 1.63 -15.35
N ALA A 213 37.42 1.52 -16.43
CA ALA A 213 38.87 1.55 -16.28
C ALA A 213 39.32 2.67 -15.33
N SER A 214 38.82 3.88 -15.55
CA SER A 214 39.22 5.02 -14.75
C SER A 214 38.61 5.16 -13.37
N LEU A 215 37.40 4.63 -13.15
CA LEU A 215 36.85 4.68 -11.78
C LEU A 215 37.80 4.00 -10.77
N THR A 216 38.57 3.03 -11.21
CA THR A 216 39.43 2.29 -10.26
C THR A 216 40.50 3.21 -9.69
N GLU A 217 40.67 4.39 -10.28
CA GLU A 217 41.70 5.33 -9.85
C GLU A 217 41.03 6.46 -9.07
N ALA A 218 39.68 6.51 -9.05
CA ALA A 218 38.94 7.56 -8.33
C ALA A 218 38.86 7.40 -6.81
N VAL A 219 39.19 6.20 -6.29
CA VAL A 219 39.23 6.07 -4.85
C VAL A 219 40.50 6.78 -4.31
N ARG A 220 40.43 7.22 -3.07
CA ARG A 220 41.55 7.95 -2.41
C ARG A 220 42.79 7.05 -2.34
N SER A 221 43.97 7.67 -2.32
CA SER A 221 45.22 6.92 -2.52
C SER A 221 45.52 5.87 -1.43
N SER A 222 44.95 6.01 -0.23
CA SER A 222 45.20 5.06 0.84
C SER A 222 44.20 3.87 0.84
N VAL A 223 43.24 3.87 -0.06
CA VAL A 223 42.15 2.84 -0.05
C VAL A 223 42.63 1.53 -0.67
N PRO A 224 42.54 0.38 0.04
CA PRO A 224 42.93 -0.83 -0.70
C PRO A 224 42.01 -1.08 -1.90
N ARG A 225 42.56 -1.71 -2.93
CA ARG A 225 41.88 -2.17 -4.13
C ARG A 225 42.12 -3.66 -4.21
N LEU A 226 41.06 -4.45 -4.11
CA LEU A 226 41.13 -5.88 -4.27
C LEU A 226 40.51 -6.33 -5.59
N LEU A 227 41.36 -6.92 -6.41
CA LEU A 227 40.97 -7.54 -7.68
C LEU A 227 40.84 -9.05 -7.52
N ILE A 228 39.68 -9.58 -7.89
CA ILE A 228 39.51 -11.00 -8.01
C ILE A 228 39.12 -11.29 -9.46
N ASN A 229 39.99 -11.98 -10.20
CA ASN A 229 39.82 -12.02 -11.66
C ASN A 229 40.85 -13.01 -12.18
N ARG A 230 40.63 -13.54 -13.36
CA ARG A 230 41.59 -14.44 -13.97
C ARG A 230 42.98 -13.80 -14.14
N ASP A 231 43.04 -12.56 -14.63
CA ASP A 231 44.27 -11.84 -14.91
C ASP A 231 44.33 -10.52 -14.21
N LEU A 232 45.56 -10.05 -14.00
CA LEU A 232 45.78 -8.69 -13.55
C LEU A 232 45.50 -7.70 -14.70
N VAL A 233 44.69 -6.68 -14.47
CA VAL A 233 44.22 -5.91 -15.60
C VAL A 233 44.17 -4.45 -15.28
N GLY A 234 44.18 -3.65 -16.35
CA GLY A 234 43.79 -2.24 -16.33
C GLY A 234 44.75 -1.44 -15.46
N PRO A 235 44.24 -0.40 -14.81
CA PRO A 235 45.03 0.43 -13.93
C PRO A 235 45.75 -0.30 -12.84
N LEU A 236 45.28 -1.50 -12.50
CA LEU A 236 45.93 -2.26 -11.44
C LEU A 236 47.21 -2.89 -11.94
N ALA A 237 47.24 -3.29 -13.19
CA ALA A 237 48.50 -3.78 -13.82
C ALA A 237 49.49 -2.63 -14.08
N TRP A 238 49.00 -1.53 -14.64
CA TRP A 238 49.82 -0.41 -15.10
C TRP A 238 50.16 0.63 -14.05
N HIS A 239 49.20 0.98 -13.19
CA HIS A 239 49.46 1.94 -12.12
C HIS A 239 49.19 1.37 -10.71
N PRO A 240 49.98 0.37 -10.31
CA PRO A 240 49.74 -0.32 -9.02
C PRO A 240 49.87 0.66 -7.88
N ARG A 241 49.07 0.47 -6.86
CA ARG A 241 49.22 1.25 -5.65
C ARG A 241 49.64 0.36 -4.51
N SER A 242 50.09 0.97 -3.41
CA SER A 242 50.81 0.16 -2.43
C SER A 242 49.87 -0.78 -1.64
N ARG A 243 48.57 -0.46 -1.60
CA ARG A 243 47.60 -1.33 -0.90
C ARG A 243 46.71 -2.10 -1.88
N ASP A 244 47.19 -2.33 -3.12
CA ASP A 244 46.53 -3.26 -4.04
C ASP A 244 46.76 -4.72 -3.68
N VAL A 245 45.69 -5.51 -3.84
CA VAL A 245 45.74 -6.97 -3.71
C VAL A 245 45.12 -7.62 -4.93
N ALA A 246 45.80 -8.61 -5.46
CA ALA A 246 45.25 -9.28 -6.62
C ALA A 246 45.10 -10.73 -6.34
N GLN A 247 43.85 -11.21 -6.36
CA GLN A 247 43.62 -12.61 -6.12
C GLN A 247 43.30 -13.26 -7.45
N LEU A 248 44.30 -13.86 -8.10
CA LEU A 248 44.15 -14.20 -9.52
C LEU A 248 43.77 -15.65 -9.63
N GLY A 249 42.81 -15.95 -10.50
CA GLY A 249 42.28 -17.29 -10.58
C GLY A 249 40.79 -17.22 -10.80
N ASP A 250 40.09 -18.35 -10.62
CA ASP A 250 38.66 -18.40 -10.93
C ASP A 250 37.97 -17.47 -9.92
N VAL A 251 36.91 -16.78 -10.33
CA VAL A 251 36.32 -15.82 -9.44
C VAL A 251 35.56 -16.52 -8.28
N VAL A 252 34.93 -17.66 -8.52
CA VAL A 252 34.20 -18.30 -7.45
C VAL A 252 35.24 -18.79 -6.35
N HIS A 253 36.31 -19.40 -6.81
CA HIS A 253 37.39 -19.80 -5.89
C HIS A 253 37.89 -18.61 -5.05
N GLY A 254 38.22 -17.52 -5.71
CA GLY A 254 38.72 -16.35 -5.03
C GLY A 254 37.70 -15.81 -4.06
N VAL A 255 36.44 -15.68 -4.47
CA VAL A 255 35.42 -15.26 -3.50
C VAL A 255 35.28 -16.21 -2.32
N GLU A 256 35.26 -17.50 -2.63
CA GLU A 256 35.14 -18.51 -1.57
C GLU A 256 36.36 -18.39 -0.58
N SER A 257 37.55 -18.20 -1.13
CA SER A 257 38.78 -17.94 -0.23
C SER A 257 38.58 -16.77 0.66
N LEU A 258 38.10 -15.64 0.08
CA LEU A 258 37.81 -14.45 0.91
C LEU A 258 36.72 -14.72 1.97
N VAL A 259 35.63 -15.36 1.55
CA VAL A 259 34.52 -15.65 2.45
C VAL A 259 35.01 -16.47 3.69
N GLU A 260 35.84 -17.45 3.40
CA GLU A 260 36.45 -18.27 4.48
C GLU A 260 37.32 -17.45 5.42
N LEU A 261 38.10 -16.52 4.86
CA LEU A 261 38.93 -15.61 5.69
C LEU A 261 38.10 -14.59 6.47
N LEU A 262 36.90 -14.31 5.92
CA LEU A 262 36.00 -13.42 6.63
C LEU A 262 35.28 -14.11 7.79
N GLY A 263 35.30 -15.43 7.76
CA GLY A 263 34.55 -16.25 8.72
C GLY A 263 33.08 -16.42 8.29
N TRP A 264 32.77 -16.31 7.00
CA TRP A 264 31.37 -16.25 6.57
C TRP A 264 30.92 -17.52 5.89
N THR A 265 31.72 -18.58 5.98
CA THR A 265 31.50 -19.70 5.07
C THR A 265 30.12 -20.35 5.30
N GLU A 266 29.73 -20.49 6.56
CA GLU A 266 28.47 -21.18 6.91
C GLU A 266 27.26 -20.30 6.63
N GLU A 267 27.43 -19.01 6.93
CA GLU A 267 26.43 -18.04 6.54
C GLU A 267 26.19 -18.05 5.01
N MET A 268 27.26 -18.15 4.21
CA MET A 268 27.12 -18.12 2.75
C MET A 268 26.44 -19.41 2.30
N ARG A 269 26.84 -20.55 2.89
CA ARG A 269 26.19 -21.82 2.57
CA ARG A 269 26.19 -21.85 2.64
C ARG A 269 24.72 -21.75 2.88
N ASP A 270 24.37 -21.23 4.04
CA ASP A 270 22.99 -21.13 4.41
C ASP A 270 22.19 -20.24 3.41
N LEU A 271 22.82 -19.11 3.05
CA LEU A 271 22.23 -18.12 2.18
C LEU A 271 21.91 -18.73 0.85
N VAL A 272 22.91 -19.40 0.27
CA VAL A 272 22.81 -19.92 -1.05
C VAL A 272 21.75 -21.04 -1.11
N GLN A 273 21.71 -21.85 -0.07
CA GLN A 273 20.79 -22.97 -0.05
C GLN A 273 19.34 -22.43 0.00
N ARG A 274 19.08 -21.51 0.96
CA ARG A 274 17.81 -20.74 1.06
C ARG A 274 17.36 -20.06 -0.22
N GLU A 275 18.30 -19.48 -0.96
CA GLU A 275 17.93 -18.76 -2.16
C GLU A 275 17.77 -19.63 -3.38
N THR A 276 18.60 -20.66 -3.54
CA THR A 276 18.66 -21.34 -4.84
C THR A 276 18.66 -22.84 -4.73
N GLY A 277 18.75 -23.38 -3.53
CA GLY A 277 19.14 -24.79 -3.38
C GLY A 277 17.91 -25.66 -3.40
N GLY B 6 18.82 -14.52 9.25
CA GLY B 6 19.11 -15.10 7.90
C GLY B 6 17.79 -15.52 7.21
N LYS B 7 17.16 -14.57 6.52
CA LYS B 7 15.78 -14.69 6.01
C LYS B 7 15.76 -14.29 4.53
N LEU B 8 14.84 -14.85 3.73
CA LEU B 8 14.58 -14.35 2.37
C LEU B 8 14.04 -12.94 2.52
N SER B 9 14.15 -12.10 1.51
CA SER B 9 13.62 -10.73 1.66
C SER B 9 12.34 -10.66 0.82
N LEU B 10 11.64 -9.56 0.92
CA LEU B 10 10.53 -9.26 -0.01
C LEU B 10 11.01 -9.24 -1.48
N GLN B 11 12.18 -8.63 -1.70
CA GLN B 11 12.67 -8.55 -3.04
C GLN B 11 12.96 -9.96 -3.56
N ASP B 12 13.45 -10.83 -2.67
CA ASP B 12 13.73 -12.27 -3.10
C ASP B 12 12.43 -12.92 -3.64
N VAL B 13 11.33 -12.69 -2.94
CA VAL B 13 9.99 -13.19 -3.42
C VAL B 13 9.62 -12.58 -4.76
N ALA B 14 9.79 -11.27 -4.89
CA ALA B 14 9.53 -10.63 -6.18
C ALA B 14 10.38 -11.28 -7.26
N GLU B 15 11.65 -11.58 -6.95
CA GLU B 15 12.52 -11.99 -8.02
C GLU B 15 12.24 -13.45 -8.40
N LEU B 16 11.72 -14.21 -7.46
CA LEU B 16 11.28 -15.57 -7.78
C LEU B 16 10.14 -15.53 -8.75
N ILE B 17 9.21 -14.60 -8.52
CA ILE B 17 8.07 -14.42 -9.44
C ILE B 17 8.56 -13.92 -10.82
N ARG B 18 9.46 -12.91 -10.82
CA ARG B 18 10.01 -12.37 -12.09
C ARG B 18 10.76 -13.42 -12.88
N ALA B 19 11.49 -14.32 -12.21
CA ALA B 19 12.23 -15.39 -12.90
C ALA B 19 11.34 -16.61 -13.27
N ARG B 20 10.02 -16.50 -13.04
CA ARG B 20 9.08 -17.61 -13.24
C ARG B 20 9.56 -18.88 -12.56
N ALA B 21 10.29 -18.71 -11.44
CA ALA B 21 10.65 -19.79 -10.53
C ALA B 21 9.43 -20.19 -9.71
N CYS B 22 8.58 -19.20 -9.42
CA CYS B 22 7.23 -19.43 -8.87
C CYS B 22 6.15 -19.10 -9.93
N GLN B 23 5.45 -20.13 -10.43
CA GLN B 23 4.45 -20.01 -11.46
C GLN B 23 3.08 -20.44 -11.00
N ARG B 24 3.01 -21.00 -9.80
CA ARG B 24 1.74 -21.55 -9.23
C ARG B 24 1.42 -20.95 -7.85
N VAL B 25 0.94 -19.72 -7.86
CA VAL B 25 0.83 -19.03 -6.55
C VAL B 25 -0.52 -19.31 -5.93
N VAL B 26 -0.55 -19.75 -4.68
CA VAL B 26 -1.84 -19.85 -3.96
C VAL B 26 -1.89 -18.68 -3.03
N VAL B 27 -3.04 -18.01 -2.93
CA VAL B 27 -3.20 -16.87 -2.03
C VAL B 27 -4.28 -17.13 -0.98
N MET B 28 -4.06 -16.71 0.25
CA MET B 28 -5.09 -16.77 1.28
C MET B 28 -5.29 -15.35 1.81
N VAL B 29 -6.55 -14.92 1.90
CA VAL B 29 -6.84 -13.59 2.38
C VAL B 29 -7.94 -13.60 3.43
N GLY B 30 -7.91 -12.57 4.26
CA GLY B 30 -9.09 -12.34 5.12
C GLY B 30 -9.45 -10.85 5.20
N ALA B 31 -10.10 -10.49 6.30
CA ALA B 31 -10.79 -9.22 6.40
C ALA B 31 -9.84 -8.07 6.34
N GLY B 32 -8.56 -8.29 6.68
CA GLY B 32 -7.57 -7.23 6.61
C GLY B 32 -7.37 -6.65 5.19
N ILE B 33 -7.63 -7.43 4.14
CA ILE B 33 -7.42 -6.85 2.79
C ILE B 33 -8.56 -5.93 2.39
N SER B 34 -9.62 -5.92 3.20
CA SER B 34 -10.83 -5.08 2.89
C SER B 34 -11.04 -3.88 3.84
N THR B 35 -10.25 -3.83 4.90
CA THR B 35 -10.27 -2.64 5.76
C THR B 35 -9.84 -1.40 5.00
N PRO B 36 -8.95 -1.50 3.97
CA PRO B 36 -8.63 -0.26 3.24
C PRO B 36 -9.81 0.23 2.41
N SER B 37 -10.77 -0.64 2.10
CA SER B 37 -12.01 -0.24 1.44
C SER B 37 -13.07 0.34 2.38
N GLY B 38 -12.82 0.29 3.69
CA GLY B 38 -13.71 0.91 4.72
C GLY B 38 -14.55 -0.10 5.48
N ILE B 39 -14.35 -1.40 5.18
CA ILE B 39 -15.03 -2.44 5.92
C ILE B 39 -14.18 -2.80 7.13
N PRO B 40 -14.78 -2.87 8.33
CA PRO B 40 -13.98 -3.23 9.53
C PRO B 40 -13.61 -4.68 9.52
N ASP B 41 -12.53 -5.08 10.19
CA ASP B 41 -12.26 -6.50 10.31
C ASP B 41 -12.92 -6.99 11.62
N PHE B 42 -12.54 -8.16 12.11
CA PHE B 42 -13.18 -8.76 13.29
C PHE B 42 -12.44 -8.47 14.58
N ARG B 43 -11.12 -8.66 14.55
CA ARG B 43 -10.35 -8.87 15.78
C ARG B 43 -9.43 -7.70 16.11
N SER B 44 -9.33 -6.71 15.23
CA SER B 44 -8.47 -5.58 15.55
C SER B 44 -8.93 -5.00 16.89
N PRO B 45 -7.97 -4.73 17.81
CA PRO B 45 -8.34 -4.00 19.04
C PRO B 45 -9.05 -2.68 18.70
N GLY B 46 -10.14 -2.40 19.41
CA GLY B 46 -10.90 -1.17 19.18
C GLY B 46 -11.90 -1.18 18.03
N SER B 47 -11.38 -1.09 16.78
CA SER B 47 -12.17 -0.98 15.54
C SER B 47 -12.77 -2.31 15.01
N GLY B 48 -12.30 -3.45 15.49
CA GLY B 48 -12.87 -4.71 15.09
C GLY B 48 -14.37 -4.83 15.33
N LEU B 49 -15.06 -5.49 14.41
CA LEU B 49 -16.47 -5.92 14.71
C LEU B 49 -16.70 -6.47 16.11
N TYR B 50 -15.87 -7.42 16.57
CA TYR B 50 -16.17 -8.07 17.85
C TYR B 50 -16.10 -7.11 19.04
N SER B 51 -15.51 -5.94 18.80
CA SER B 51 -15.44 -4.90 19.83
C SER B 51 -16.56 -3.87 19.68
N ASN B 52 -17.48 -4.07 18.75
CA ASN B 52 -18.43 -3.01 18.40
C ASN B 52 -19.87 -3.47 18.19
N LEU B 53 -20.25 -4.54 18.87
CA LEU B 53 -21.58 -5.13 18.75
C LEU B 53 -22.42 -4.91 20.02
N GLN B 54 -21.96 -3.99 20.90
CA GLN B 54 -22.65 -3.74 22.23
C GLN B 54 -24.11 -3.39 22.03
N GLN B 55 -24.40 -2.67 20.95
CA GLN B 55 -25.78 -2.24 20.71
C GLN B 55 -26.75 -3.39 20.31
N TYR B 56 -26.21 -4.51 19.80
CA TYR B 56 -27.02 -5.57 19.22
C TYR B 56 -27.70 -6.50 20.21
N ASP B 57 -27.23 -6.47 21.45
CA ASP B 57 -27.95 -7.17 22.52
C ASP B 57 -27.94 -8.70 22.29
N LEU B 58 -26.78 -9.19 21.86
CA LEU B 58 -26.49 -10.60 21.69
C LEU B 58 -26.00 -11.15 23.04
N PRO B 59 -25.89 -12.49 23.19
CA PRO B 59 -25.24 -12.96 24.43
C PRO B 59 -23.73 -12.63 24.48
N TYR B 60 -23.11 -12.52 23.30
CA TYR B 60 -21.69 -12.16 23.16
C TYR B 60 -21.53 -11.92 21.65
N PRO B 61 -20.44 -11.24 21.25
CA PRO B 61 -20.22 -10.83 19.86
C PRO B 61 -20.47 -11.89 18.77
N GLU B 62 -19.84 -13.07 18.89
CA GLU B 62 -19.85 -14.13 17.84
C GLU B 62 -21.21 -14.61 17.47
N ALA B 63 -22.16 -14.47 18.38
CA ALA B 63 -23.49 -15.02 18.11
C ALA B 63 -24.14 -14.46 16.84
N ILE B 64 -23.82 -13.22 16.49
CA ILE B 64 -24.45 -12.61 15.34
C ILE B 64 -24.07 -13.35 14.04
N PHE B 65 -22.98 -14.12 14.10
CA PHE B 65 -22.62 -14.98 12.97
C PHE B 65 -22.70 -16.49 13.29
N GLU B 66 -23.56 -16.89 14.25
CA GLU B 66 -23.83 -18.31 14.52
C GLU B 66 -25.21 -18.70 14.01
N LEU B 67 -25.31 -19.88 13.38
CA LEU B 67 -26.59 -20.30 12.80
C LEU B 67 -27.58 -20.72 13.89
N PRO B 68 -27.11 -21.40 14.97
CA PRO B 68 -28.10 -21.65 16.02
C PRO B 68 -28.76 -20.31 16.40
N PHE B 69 -28.00 -19.40 17.02
CA PHE B 69 -28.54 -18.06 17.33
C PHE B 69 -29.32 -17.40 16.19
N PHE B 70 -28.86 -17.47 14.94
CA PHE B 70 -29.59 -16.87 13.82
C PHE B 70 -31.01 -17.43 13.76
N PHE B 71 -31.14 -18.68 14.21
CA PHE B 71 -32.44 -19.33 14.25
C PHE B 71 -33.33 -18.81 15.40
N HIS B 72 -32.79 -18.71 16.63
CA HIS B 72 -33.50 -18.06 17.78
C HIS B 72 -33.93 -16.62 17.53
N ASN B 73 -33.36 -15.97 16.48
CA ASN B 73 -33.42 -14.50 16.32
C ASN B 73 -32.49 -14.03 15.17
N PRO B 74 -33.02 -13.82 13.96
CA PRO B 74 -32.24 -13.33 12.82
C PRO B 74 -32.17 -11.81 12.71
N LYS B 75 -32.81 -11.10 13.64
CA LYS B 75 -32.88 -9.64 13.47
C LYS B 75 -31.52 -8.96 13.63
N PRO B 76 -30.76 -9.29 14.71
CA PRO B 76 -29.45 -8.61 14.83
C PRO B 76 -28.61 -8.81 13.57
N PHE B 77 -28.57 -10.05 13.03
CA PHE B 77 -27.81 -10.25 11.80
C PHE B 77 -28.34 -9.40 10.66
N PHE B 78 -29.68 -9.37 10.47
CA PHE B 78 -30.16 -8.63 9.32
C PHE B 78 -29.99 -7.10 9.51
N THR B 79 -29.90 -6.68 10.77
CA THR B 79 -29.60 -5.23 11.04
C THR B 79 -28.20 -4.86 10.57
N LEU B 80 -27.20 -5.61 11.04
CA LEU B 80 -25.81 -5.51 10.57
C LEU B 80 -25.64 -5.73 9.06
N ALA B 81 -26.46 -6.62 8.48
CA ALA B 81 -26.40 -6.90 7.05
C ALA B 81 -26.60 -5.69 6.15
N LYS B 82 -27.13 -4.59 6.69
CA LYS B 82 -27.24 -3.39 5.87
C LYS B 82 -25.90 -2.80 5.46
N GLU B 83 -24.94 -2.91 6.35
CA GLU B 83 -23.60 -2.52 6.00
C GLU B 83 -22.78 -3.63 5.34
N LEU B 84 -23.12 -4.90 5.62
CA LEU B 84 -22.33 -6.01 5.13
C LEU B 84 -22.65 -6.30 3.65
N TYR B 85 -23.89 -5.96 3.26
CA TYR B 85 -24.36 -6.13 1.91
C TYR B 85 -23.52 -5.43 0.89
N PRO B 86 -23.15 -6.10 -0.22
CA PRO B 86 -22.39 -5.34 -1.24
C PRO B 86 -23.16 -4.20 -1.90
N GLY B 87 -22.42 -3.30 -2.54
CA GLY B 87 -22.94 -2.18 -3.31
C GLY B 87 -22.08 -0.95 -3.07
N ASN B 88 -21.76 -0.71 -1.81
CA ASN B 88 -21.15 0.59 -1.45
C ASN B 88 -19.62 0.59 -1.44
N TYR B 89 -19.03 -0.41 -0.81
CA TYR B 89 -17.58 -0.46 -0.79
C TYR B 89 -17.07 -0.99 -2.17
N LYS B 90 -15.79 -0.75 -2.49
CA LYS B 90 -15.20 -1.07 -3.76
C LYS B 90 -13.83 -1.74 -3.54
N PRO B 91 -13.30 -2.43 -4.55
CA PRO B 91 -11.95 -3.10 -4.39
C PRO B 91 -10.85 -2.05 -4.13
N ASN B 92 -9.79 -2.47 -3.48
CA ASN B 92 -8.67 -1.60 -3.28
C ASN B 92 -7.48 -2.17 -4.00
N VAL B 93 -6.34 -1.48 -3.91
CA VAL B 93 -5.13 -1.94 -4.53
C VAL B 93 -4.80 -3.44 -4.23
N THR B 94 -5.09 -3.94 -3.01
CA THR B 94 -4.83 -5.37 -2.68
CA THR B 94 -4.78 -5.37 -2.75
C THR B 94 -5.55 -6.26 -3.70
N HIS B 95 -6.85 -5.98 -3.92
CA HIS B 95 -7.65 -6.80 -4.82
C HIS B 95 -7.10 -6.67 -6.23
N TYR B 96 -6.80 -5.42 -6.65
CA TYR B 96 -6.27 -5.30 -8.03
C TYR B 96 -4.91 -6.01 -8.23
N PHE B 97 -4.08 -6.02 -7.17
CA PHE B 97 -2.82 -6.78 -7.30
C PHE B 97 -3.11 -8.29 -7.56
N LEU B 98 -4.12 -8.80 -6.88
CA LEU B 98 -4.52 -10.21 -7.11
C LEU B 98 -5.08 -10.39 -8.51
N ARG B 99 -5.79 -9.38 -9.03
CA ARG B 99 -6.19 -9.41 -10.44
C ARG B 99 -4.98 -9.45 -11.40
N LEU B 100 -4.00 -8.58 -11.14
CA LEU B 100 -2.78 -8.59 -11.94
C LEU B 100 -2.03 -9.94 -11.92
N LEU B 101 -1.97 -10.58 -10.74
CA LEU B 101 -1.39 -11.90 -10.67
C LEU B 101 -2.09 -12.88 -11.57
N HIS B 102 -3.44 -12.87 -11.53
CA HIS B 102 -4.21 -13.70 -12.41
C HIS B 102 -3.94 -13.41 -13.89
N ASP B 103 -3.95 -12.11 -14.23
CA ASP B 103 -3.76 -11.69 -15.64
C ASP B 103 -2.40 -12.09 -16.17
N LYS B 104 -1.40 -12.19 -15.28
CA LYS B 104 0.00 -12.63 -15.65
C LYS B 104 0.14 -14.13 -15.69
N GLY B 105 -0.96 -14.84 -15.45
CA GLY B 105 -0.95 -16.29 -15.56
C GLY B 105 -0.32 -17.00 -14.35
N LEU B 106 -0.26 -16.35 -13.19
CA LEU B 106 0.50 -16.87 -12.02
C LEU B 106 -0.37 -17.41 -10.87
N LEU B 107 -1.70 -17.22 -10.95
CA LEU B 107 -2.58 -17.47 -9.81
C LEU B 107 -3.12 -18.86 -9.97
N LEU B 108 -2.74 -19.75 -9.08
CA LEU B 108 -3.35 -21.10 -9.00
C LEU B 108 -4.77 -21.05 -8.44
N ARG B 109 -4.89 -20.38 -7.31
CA ARG B 109 -6.18 -20.23 -6.59
C ARG B 109 -6.11 -19.13 -5.55
N LEU B 110 -7.21 -18.44 -5.38
CA LEU B 110 -7.32 -17.40 -4.31
C LEU B 110 -8.39 -17.88 -3.34
N TYR B 111 -7.99 -18.16 -2.10
CA TYR B 111 -8.85 -18.60 -1.02
C TYR B 111 -9.17 -17.38 -0.20
N THR B 112 -10.45 -17.03 -0.10
CA THR B 112 -10.83 -15.89 0.72
C THR B 112 -11.78 -16.27 1.83
N GLN B 113 -11.59 -15.64 2.98
CA GLN B 113 -12.48 -15.82 4.09
C GLN B 113 -13.57 -14.72 4.13
N ASN B 114 -13.46 -13.73 3.23
CA ASN B 114 -14.37 -12.55 3.18
C ASN B 114 -15.66 -12.88 2.51
N ILE B 115 -16.72 -12.22 2.97
CA ILE B 115 -17.99 -12.32 2.31
C ILE B 115 -18.29 -11.07 1.49
N ASP B 116 -17.36 -10.12 1.46
CA ASP B 116 -17.63 -8.85 0.74
C ASP B 116 -17.75 -8.99 -0.77
N GLY B 117 -17.24 -10.09 -1.35
CA GLY B 117 -17.40 -10.35 -2.77
C GLY B 117 -16.42 -9.53 -3.65
N LEU B 118 -15.41 -8.90 -3.06
CA LEU B 118 -14.63 -7.92 -3.83
C LEU B 118 -13.65 -8.59 -4.74
N GLU B 119 -13.29 -9.86 -4.42
CA GLU B 119 -12.43 -10.60 -5.36
C GLU B 119 -13.14 -10.81 -6.72
N ARG B 120 -14.40 -11.24 -6.67
CA ARG B 120 -15.17 -11.35 -7.90
C ARG B 120 -15.39 -9.96 -8.62
N VAL B 121 -15.68 -8.94 -7.82
CA VAL B 121 -15.87 -7.62 -8.40
C VAL B 121 -14.61 -7.21 -9.10
N SER B 122 -13.45 -7.56 -8.57
CA SER B 122 -12.18 -7.12 -9.14
CA SER B 122 -12.16 -7.17 -9.13
C SER B 122 -11.84 -7.90 -10.41
N GLY B 123 -12.66 -8.88 -10.78
CA GLY B 123 -12.40 -9.54 -12.06
C GLY B 123 -11.73 -10.89 -11.94
N ILE B 124 -11.61 -11.44 -10.75
CA ILE B 124 -11.05 -12.80 -10.54
CA ILE B 124 -11.00 -12.77 -10.71
C ILE B 124 -12.09 -13.83 -11.02
N PRO B 125 -11.75 -14.70 -11.99
CA PRO B 125 -12.77 -15.65 -12.46
C PRO B 125 -13.20 -16.63 -11.39
N ALA B 126 -14.45 -17.12 -11.51
CA ALA B 126 -15.02 -17.96 -10.47
C ALA B 126 -14.17 -19.21 -10.26
N SER B 127 -13.66 -19.77 -11.36
CA SER B 127 -12.83 -20.99 -11.27
C SER B 127 -11.49 -20.78 -10.54
N LYS B 128 -10.98 -19.54 -10.51
CA LYS B 128 -9.78 -19.26 -9.69
C LYS B 128 -10.04 -18.94 -8.20
N LEU B 129 -11.29 -18.74 -7.84
CA LEU B 129 -11.61 -18.21 -6.53
C LEU B 129 -12.27 -19.29 -5.64
N VAL B 130 -11.90 -19.36 -4.35
CA VAL B 130 -12.64 -20.15 -3.38
C VAL B 130 -13.15 -19.17 -2.36
N GLU B 131 -14.45 -18.93 -2.45
CA GLU B 131 -15.16 -18.11 -1.46
C GLU B 131 -15.50 -19.03 -0.27
N ALA B 132 -14.54 -19.16 0.65
CA ALA B 132 -14.59 -20.20 1.65
C ALA B 132 -15.68 -19.88 2.70
N HIS B 133 -16.09 -18.60 2.85
CA HIS B 133 -17.29 -18.36 3.71
C HIS B 133 -18.56 -18.01 2.96
N GLY B 134 -18.62 -18.42 1.69
CA GLY B 134 -19.72 -18.16 0.79
C GLY B 134 -19.89 -16.73 0.30
N THR B 135 -21.14 -16.36 0.02
CA THR B 135 -21.37 -15.18 -0.78
C THR B 135 -22.77 -14.63 -0.54
N PHE B 136 -22.89 -13.29 -0.63
CA PHE B 136 -24.20 -12.59 -0.72
C PHE B 136 -24.85 -12.71 -2.11
N ALA B 137 -24.10 -13.23 -3.10
CA ALA B 137 -24.58 -13.25 -4.50
C ALA B 137 -25.82 -14.11 -4.73
N SER B 138 -26.04 -15.07 -3.85
CA SER B 138 -27.24 -15.86 -3.91
C SER B 138 -27.68 -16.10 -2.50
N ALA B 139 -28.87 -16.71 -2.37
CA ALA B 139 -29.48 -16.98 -1.08
C ALA B 139 -30.26 -18.32 -1.11
N THR B 140 -30.65 -18.76 0.08
CA THR B 140 -31.38 -20.03 0.23
C THR B 140 -32.44 -19.85 1.28
N CYS B 141 -33.69 -20.07 0.88
CA CYS B 141 -34.75 -20.18 1.89
C CYS B 141 -34.38 -21.22 2.96
N THR B 142 -34.53 -20.87 4.20
CA THR B 142 -34.24 -21.86 5.16
C THR B 142 -35.41 -22.86 5.30
N VAL B 143 -36.56 -22.63 4.67
CA VAL B 143 -37.64 -23.67 4.64
C VAL B 143 -37.52 -24.65 3.47
N CYS B 144 -38.09 -24.28 2.32
CA CYS B 144 -38.16 -25.20 1.20
C CYS B 144 -36.76 -25.46 0.67
N GLN B 145 -35.89 -24.51 0.95
CA GLN B 145 -34.56 -24.48 0.45
C GLN B 145 -34.53 -24.18 -1.01
N ARG B 146 -35.49 -23.42 -1.48
CA ARG B 146 -35.41 -22.83 -2.85
C ARG B 146 -34.16 -21.92 -2.97
N PRO B 147 -33.50 -21.92 -4.16
CA PRO B 147 -32.46 -20.91 -4.47
C PRO B 147 -33.08 -19.58 -4.98
N PHE B 148 -32.41 -18.47 -4.70
CA PHE B 148 -32.82 -17.15 -5.17
C PHE B 148 -31.58 -16.32 -5.57
N PRO B 149 -31.73 -15.33 -6.49
CA PRO B 149 -30.65 -14.34 -6.66
C PRO B 149 -30.31 -13.63 -5.33
N GLY B 150 -29.14 -13.02 -5.25
CA GLY B 150 -28.81 -12.27 -4.04
C GLY B 150 -29.59 -10.98 -4.04
N GLU B 151 -29.36 -10.22 -5.13
CA GLU B 151 -30.25 -9.24 -5.74
C GLU B 151 -31.61 -9.31 -5.09
N ASP B 152 -32.17 -10.53 -5.08
CA ASP B 152 -33.52 -10.85 -4.60
C ASP B 152 -33.88 -10.20 -3.28
N ILE B 153 -32.99 -10.27 -2.30
CA ILE B 153 -33.34 -9.94 -0.91
C ILE B 153 -32.89 -8.53 -0.45
N ARG B 154 -32.04 -7.86 -1.24
CA ARG B 154 -31.44 -6.58 -0.84
C ARG B 154 -32.50 -5.54 -0.49
N ALA B 155 -33.53 -5.43 -1.32
CA ALA B 155 -34.59 -4.43 -1.03
C ALA B 155 -35.19 -4.56 0.39
N ASP B 156 -35.45 -5.80 0.81
CA ASP B 156 -36.03 -6.10 2.14
C ASP B 156 -35.10 -5.77 3.32
N VAL B 157 -33.86 -6.28 3.22
CA VAL B 157 -32.84 -6.10 4.31
C VAL B 157 -32.73 -4.59 4.63
N MET B 158 -32.66 -3.81 3.54
CA MET B 158 -32.50 -2.36 3.55
C MET B 158 -33.76 -1.62 3.99
N ALA B 159 -34.88 -2.35 4.17
CA ALA B 159 -36.17 -1.79 4.62
C ALA B 159 -36.46 -2.29 6.02
N ASP B 160 -35.42 -2.81 6.70
CA ASP B 160 -35.54 -3.29 8.08
C ASP B 160 -36.55 -4.46 8.22
N ARG B 161 -36.84 -5.11 7.09
CA ARG B 161 -37.58 -6.39 7.07
C ARG B 161 -36.66 -7.59 6.82
N VAL B 162 -36.86 -8.62 7.62
CA VAL B 162 -36.39 -9.98 7.35
C VAL B 162 -36.98 -10.52 6.02
N PRO B 163 -36.11 -10.91 5.05
CA PRO B 163 -36.62 -11.53 3.80
C PRO B 163 -37.28 -12.93 4.04
N ARG B 164 -38.29 -13.21 3.22
CA ARG B 164 -39.19 -14.36 3.38
C ARG B 164 -39.44 -15.09 2.03
N CYS B 165 -39.46 -16.44 2.01
CA CYS B 165 -39.57 -17.35 0.79
C CYS B 165 -40.72 -16.94 -0.15
N PRO B 166 -40.42 -16.34 -1.33
CA PRO B 166 -41.53 -15.84 -2.17
C PRO B 166 -42.62 -16.89 -2.41
N VAL B 167 -42.26 -18.16 -2.27
CA VAL B 167 -43.21 -19.25 -2.46
C VAL B 167 -43.86 -19.65 -1.12
N CYS B 168 -43.10 -20.19 -0.17
CA CYS B 168 -43.67 -20.73 1.06
C CYS B 168 -43.52 -19.75 2.24
N THR B 169 -43.06 -18.55 1.92
CA THR B 169 -42.71 -17.45 2.86
C THR B 169 -41.88 -17.70 4.15
N GLY B 170 -41.01 -18.71 4.17
CA GLY B 170 -40.05 -18.90 5.31
C GLY B 170 -38.89 -17.89 5.24
N VAL B 171 -37.99 -17.84 6.23
CA VAL B 171 -36.87 -16.81 6.17
C VAL B 171 -35.69 -17.10 5.16
N VAL B 172 -35.52 -16.26 4.13
CA VAL B 172 -34.43 -16.42 3.16
C VAL B 172 -33.09 -15.94 3.79
N LYS B 173 -32.05 -16.78 3.71
CA LYS B 173 -30.71 -16.47 4.24
C LYS B 173 -29.70 -16.34 3.10
N PRO B 174 -28.87 -15.25 3.10
CA PRO B 174 -27.86 -15.26 2.07
C PRO B 174 -26.92 -16.48 2.27
N ASP B 175 -26.32 -16.94 1.19
CA ASP B 175 -25.45 -18.14 1.27
C ASP B 175 -24.05 -17.89 1.83
N ILE B 176 -23.95 -17.25 2.99
CA ILE B 176 -22.68 -17.04 3.63
C ILE B 176 -22.64 -18.14 4.68
N VAL B 177 -21.45 -18.47 5.15
CA VAL B 177 -21.24 -19.56 6.08
C VAL B 177 -21.11 -19.08 7.50
N PHE B 178 -22.18 -19.28 8.28
CA PHE B 178 -22.14 -18.95 9.70
C PHE B 178 -21.27 -20.03 10.35
N PHE B 179 -20.79 -19.75 11.56
CA PHE B 179 -20.25 -20.78 12.48
C PHE B 179 -21.32 -21.84 12.75
N GLY B 180 -20.89 -23.09 12.70
CA GLY B 180 -21.80 -24.22 12.76
C GLY B 180 -22.50 -24.31 11.41
N GLU B 181 -21.73 -24.04 10.36
CA GLU B 181 -22.14 -24.42 9.02
C GLU B 181 -20.97 -25.12 8.30
N PRO B 182 -21.30 -26.09 7.47
CA PRO B 182 -20.20 -26.68 6.70
C PRO B 182 -19.63 -25.59 5.72
N LEU B 183 -18.34 -25.65 5.47
CA LEU B 183 -17.76 -24.89 4.33
C LEU B 183 -18.28 -25.33 2.97
N PRO B 184 -18.26 -24.43 1.99
CA PRO B 184 -18.70 -24.75 0.68
C PRO B 184 -17.81 -25.83 0.08
N GLN B 185 -18.35 -26.58 -0.87
CA GLN B 185 -17.64 -27.72 -1.38
C GLN B 185 -16.41 -27.28 -2.18
N ARG B 186 -16.44 -26.08 -2.83
CA ARG B 186 -15.19 -25.65 -3.46
C ARG B 186 -14.02 -25.55 -2.50
N PHE B 187 -14.24 -25.29 -1.23
CA PHE B 187 -13.15 -25.17 -0.30
C PHE B 187 -12.34 -26.45 -0.34
N LEU B 188 -12.97 -27.59 -0.68
CA LEU B 188 -12.18 -28.86 -0.56
C LEU B 188 -11.07 -28.97 -1.60
N LEU B 189 -11.09 -28.11 -2.62
CA LEU B 189 -9.95 -28.01 -3.58
C LEU B 189 -8.61 -27.80 -2.90
N HIS B 190 -8.63 -27.31 -1.68
CA HIS B 190 -7.36 -27.07 -1.01
C HIS B 190 -6.47 -28.33 -0.95
N VAL B 191 -7.12 -29.50 -0.95
CA VAL B 191 -6.37 -30.74 -0.69
C VAL B 191 -5.42 -30.96 -1.84
N VAL B 192 -5.80 -30.50 -3.02
CA VAL B 192 -4.96 -30.67 -4.18
C VAL B 192 -4.20 -29.38 -4.51
N ASP B 193 -4.82 -28.21 -4.26
CA ASP B 193 -4.12 -26.93 -4.61
C ASP B 193 -2.87 -26.73 -3.82
N PHE B 194 -2.87 -27.04 -2.51
CA PHE B 194 -1.74 -26.68 -1.71
C PHE B 194 -0.50 -27.50 -2.05
N PRO B 195 -0.71 -28.77 -2.41
CA PRO B 195 0.40 -29.58 -2.93
C PRO B 195 0.99 -29.09 -4.22
N MET B 196 0.19 -28.40 -5.02
CA MET B 196 0.62 -27.92 -6.30
CA MET B 196 0.60 -27.91 -6.32
C MET B 196 1.31 -26.54 -6.22
N ALA B 197 1.12 -25.86 -5.11
CA ALA B 197 1.62 -24.46 -4.95
C ALA B 197 3.14 -24.41 -4.97
N ASP B 198 3.69 -23.41 -5.68
CA ASP B 198 5.13 -23.13 -5.53
C ASP B 198 5.42 -21.79 -4.82
N LEU B 199 4.36 -21.15 -4.29
CA LEU B 199 4.52 -19.96 -3.48
C LEU B 199 3.18 -19.77 -2.79
N LEU B 200 3.21 -19.38 -1.55
CA LEU B 200 1.97 -19.07 -0.82
C LEU B 200 2.02 -17.64 -0.40
N LEU B 201 0.97 -16.86 -0.69
CA LEU B 201 0.88 -15.49 -0.18
C LEU B 201 -0.28 -15.46 0.78
N ILE B 202 -0.06 -14.81 1.93
CA ILE B 202 -1.11 -14.76 2.97
C ILE B 202 -1.27 -13.25 3.25
N LEU B 203 -2.50 -12.67 3.07
CA LEU B 203 -2.69 -11.22 3.25
C LEU B 203 -3.85 -10.96 4.17
N GLY B 204 -3.64 -10.10 5.16
CA GLY B 204 -4.80 -9.53 5.85
C GLY B 204 -5.63 -10.52 6.61
N THR B 205 -4.99 -11.41 7.35
CA THR B 205 -5.78 -12.36 8.11
C THR B 205 -5.02 -12.68 9.41
N SER B 206 -5.81 -12.93 10.47
CA SER B 206 -5.22 -13.18 11.78
C SER B 206 -4.81 -14.66 11.91
N LEU B 207 -5.41 -15.53 11.06
CA LEU B 207 -5.08 -16.95 11.12
C LEU B 207 -5.43 -17.55 12.52
N GLU B 208 -6.55 -17.10 13.10
CA GLU B 208 -7.05 -17.56 14.38
C GLU B 208 -8.07 -18.64 14.18
N VAL B 209 -8.66 -18.70 13.00
CA VAL B 209 -9.75 -19.58 12.78
C VAL B 209 -9.35 -20.76 11.91
N GLU B 210 -9.62 -21.96 12.40
CA GLU B 210 -9.50 -23.17 11.60
C GLU B 210 -10.72 -23.32 10.73
N PRO B 211 -10.56 -23.95 9.55
CA PRO B 211 -9.27 -24.44 8.99
C PRO B 211 -8.19 -23.56 8.32
N PHE B 212 -8.29 -22.22 8.20
CA PHE B 212 -7.26 -21.46 7.42
C PHE B 212 -5.94 -21.40 8.21
N ALA B 213 -6.05 -21.27 9.52
CA ALA B 213 -4.85 -21.18 10.34
C ALA B 213 -3.89 -22.29 9.88
N SER B 214 -4.40 -23.53 9.70
CA SER B 214 -3.56 -24.69 9.34
C SER B 214 -3.27 -24.90 7.86
N LEU B 215 -4.10 -24.33 6.99
CA LEU B 215 -3.79 -24.37 5.54
C LEU B 215 -2.39 -23.94 5.22
N THR B 216 -1.93 -22.99 6.00
CA THR B 216 -0.60 -22.46 5.72
C THR B 216 0.45 -23.54 5.81
N GLU B 217 0.16 -24.68 6.47
CA GLU B 217 1.17 -25.76 6.69
C GLU B 217 1.16 -26.81 5.58
N ALA B 218 0.15 -26.70 4.73
CA ALA B 218 -0.09 -27.71 3.73
C ALA B 218 0.72 -27.56 2.51
N VAL B 219 1.38 -26.40 2.31
CA VAL B 219 2.30 -26.36 1.20
C VAL B 219 3.57 -27.17 1.57
N ARG B 220 4.27 -27.64 0.54
CA ARG B 220 5.57 -28.34 0.80
C ARG B 220 6.51 -27.44 1.62
N SER B 221 7.28 -28.03 2.53
CA SER B 221 8.07 -27.20 3.45
C SER B 221 9.20 -26.45 2.73
N SER B 222 9.45 -26.72 1.47
CA SER B 222 10.43 -25.96 0.68
C SER B 222 9.84 -24.71 -0.01
N VAL B 223 8.52 -24.51 0.10
CA VAL B 223 7.79 -23.45 -0.62
C VAL B 223 7.83 -22.18 0.18
N PRO B 224 8.29 -21.05 -0.42
CA PRO B 224 8.24 -19.85 0.39
C PRO B 224 6.81 -19.40 0.75
N ARG B 225 6.67 -18.78 1.91
CA ARG B 225 5.41 -18.28 2.37
C ARG B 225 5.67 -16.79 2.68
N LEU B 226 4.89 -15.91 2.04
CA LEU B 226 4.98 -14.46 2.28
C LEU B 226 3.72 -13.99 2.98
N LEU B 227 3.87 -13.47 4.18
CA LEU B 227 2.78 -12.81 4.89
C LEU B 227 2.84 -11.30 4.72
N ILE B 228 1.72 -10.69 4.34
CA ILE B 228 1.65 -9.20 4.26
C ILE B 228 0.52 -8.84 5.21
N ASN B 229 0.85 -8.27 6.38
CA ASN B 229 -0.15 -8.17 7.45
C ASN B 229 0.39 -7.22 8.51
N ARG B 230 -0.51 -6.65 9.32
CA ARG B 230 -0.05 -5.71 10.38
C ARG B 230 0.87 -6.45 11.39
N ASP B 231 0.49 -7.67 11.75
CA ASP B 231 1.14 -8.48 12.78
C ASP B 231 1.60 -9.79 12.23
N LEU B 232 2.66 -10.35 12.82
CA LEU B 232 3.03 -11.73 12.55
C LEU B 232 2.07 -12.69 13.24
N VAL B 233 1.57 -13.68 12.52
CA VAL B 233 0.46 -14.44 13.02
C VAL B 233 0.52 -15.92 12.70
N GLY B 234 -0.23 -16.71 13.45
CA GLY B 234 -0.50 -18.12 13.12
C GLY B 234 0.78 -18.94 13.06
N PRO B 235 0.75 -20.04 12.26
CA PRO B 235 1.93 -20.83 12.03
C PRO B 235 3.17 -20.08 11.59
N LEU B 236 3.06 -18.90 11.00
CA LEU B 236 4.26 -18.14 10.68
C LEU B 236 4.96 -17.48 11.91
N ALA B 237 4.21 -17.16 12.95
CA ALA B 237 4.76 -16.58 14.17
C ALA B 237 5.44 -17.63 15.02
N TRP B 238 4.70 -18.68 15.39
CA TRP B 238 5.12 -19.67 16.38
C TRP B 238 5.68 -20.93 15.80
N HIS B 239 5.79 -21.02 14.48
CA HIS B 239 6.12 -22.28 13.83
C HIS B 239 6.85 -22.06 12.47
N PRO B 240 7.85 -21.17 12.43
CA PRO B 240 8.43 -20.66 11.18
C PRO B 240 9.20 -21.68 10.33
N ARG B 241 9.23 -21.43 9.02
CA ARG B 241 10.01 -22.24 8.09
C ARG B 241 11.08 -21.39 7.48
N SER B 242 12.00 -22.05 6.78
CA SER B 242 13.22 -21.42 6.32
C SER B 242 13.02 -20.31 5.27
N ARG B 243 12.04 -20.50 4.37
CA ARG B 243 11.76 -19.53 3.32
C ARG B 243 10.54 -18.69 3.66
N ASP B 244 10.26 -18.49 4.93
CA ASP B 244 9.18 -17.57 5.33
C ASP B 244 9.64 -16.12 5.19
N VAL B 245 8.70 -15.24 4.80
CA VAL B 245 8.96 -13.79 4.75
C VAL B 245 7.76 -13.07 5.33
N ALA B 246 8.00 -12.06 6.17
CA ALA B 246 6.90 -11.34 6.75
C ALA B 246 7.08 -9.87 6.39
N GLN B 247 6.10 -9.27 5.73
CA GLN B 247 6.17 -7.87 5.40
C GLN B 247 5.13 -7.18 6.25
N LEU B 248 5.59 -6.61 7.37
CA LEU B 248 4.67 -6.20 8.41
C LEU B 248 4.35 -4.72 8.34
N GLY B 249 3.06 -4.40 8.52
CA GLY B 249 2.66 -3.03 8.32
C GLY B 249 1.35 -2.99 7.58
N ASP B 250 1.02 -1.81 7.07
CA ASP B 250 -0.20 -1.70 6.31
C ASP B 250 -0.21 -2.61 5.09
N VAL B 251 -1.38 -3.20 4.78
CA VAL B 251 -1.41 -4.13 3.70
C VAL B 251 -1.24 -3.46 2.36
N VAL B 252 -1.85 -2.28 2.13
CA VAL B 252 -1.67 -1.53 0.88
C VAL B 252 -0.19 -1.10 0.63
N HIS B 253 0.46 -0.58 1.67
CA HIS B 253 1.85 -0.19 1.55
C HIS B 253 2.67 -1.47 1.23
N GLY B 254 2.40 -2.55 1.97
CA GLY B 254 3.12 -3.82 1.74
C GLY B 254 2.94 -4.33 0.31
N VAL B 255 1.71 -4.33 -0.22
CA VAL B 255 1.50 -4.67 -1.65
C VAL B 255 2.12 -3.73 -2.66
N GLU B 256 1.98 -2.42 -2.45
CA GLU B 256 2.66 -1.44 -3.27
C GLU B 256 4.18 -1.67 -3.29
N SER B 257 4.72 -2.01 -2.13
CA SER B 257 6.22 -2.34 -2.09
C SER B 257 6.55 -3.56 -2.97
N LEU B 258 5.70 -4.60 -2.88
CA LEU B 258 5.87 -5.80 -3.69
C LEU B 258 5.70 -5.49 -5.17
N VAL B 259 4.67 -4.71 -5.52
CA VAL B 259 4.41 -4.37 -6.90
C VAL B 259 5.60 -3.58 -7.46
N GLU B 260 6.14 -2.70 -6.64
CA GLU B 260 7.35 -1.95 -7.13
C GLU B 260 8.56 -2.90 -7.39
N LEU B 261 8.83 -3.81 -6.47
CA LEU B 261 9.92 -4.81 -6.63
C LEU B 261 9.70 -5.72 -7.75
N LEU B 262 8.40 -5.95 -8.06
CA LEU B 262 8.11 -6.79 -9.22
C LEU B 262 8.33 -6.08 -10.51
N GLY B 263 8.34 -4.74 -10.50
CA GLY B 263 8.42 -3.98 -11.76
C GLY B 263 7.01 -3.80 -12.39
N TRP B 264 5.95 -3.82 -11.58
CA TRP B 264 4.55 -3.81 -12.17
C TRP B 264 3.81 -2.51 -11.87
N THR B 265 4.51 -1.46 -11.47
CA THR B 265 3.82 -0.26 -10.93
C THR B 265 2.94 0.37 -12.06
N GLU B 266 3.44 0.36 -13.30
CA GLU B 266 2.73 0.97 -14.44
C GLU B 266 1.54 0.14 -14.91
N GLU B 267 1.72 -1.16 -15.00
CA GLU B 267 0.59 -2.02 -15.22
C GLU B 267 -0.42 -1.90 -14.12
N MET B 268 -0.01 -1.87 -12.84
CA MET B 268 -1.02 -1.59 -11.77
C MET B 268 -1.74 -0.30 -12.02
N ARG B 269 -0.97 0.76 -12.33
CA ARG B 269 -1.58 2.06 -12.50
C ARG B 269 -2.62 2.04 -13.58
N ASP B 270 -2.29 1.43 -14.72
CA ASP B 270 -3.19 1.38 -15.86
C ASP B 270 -4.43 0.54 -15.54
N LEU B 271 -4.21 -0.59 -14.85
CA LEU B 271 -5.32 -1.48 -14.45
C LEU B 271 -6.32 -0.73 -13.59
N VAL B 272 -5.85 -0.09 -12.54
CA VAL B 272 -6.74 0.64 -11.65
C VAL B 272 -7.49 1.76 -12.39
N GLN B 273 -6.76 2.51 -13.23
CA GLN B 273 -7.40 3.58 -14.04
C GLN B 273 -8.48 2.99 -14.94
N ARG B 274 -8.23 1.90 -15.64
CA ARG B 274 -9.27 1.26 -16.45
C ARG B 274 -10.49 0.81 -15.62
N GLU B 275 -10.24 0.24 -14.45
CA GLU B 275 -11.32 -0.44 -13.73
C GLU B 275 -12.19 0.57 -12.98
N THR B 276 -11.58 1.68 -12.58
CA THR B 276 -12.26 2.68 -11.75
C THR B 276 -12.57 3.92 -12.62
N GLY C 6 -47.81 18.64 3.58
CA GLY C 6 -47.51 17.64 4.67
C GLY C 6 -46.07 17.12 4.67
N LYS C 7 -45.42 17.21 5.85
CA LYS C 7 -44.08 16.63 6.07
C LYS C 7 -43.87 16.44 7.58
N LEU C 8 -42.77 15.75 7.93
CA LEU C 8 -42.43 15.59 9.38
C LEU C 8 -42.03 16.93 9.97
N SER C 9 -42.20 17.06 11.29
CA SER C 9 -41.91 18.25 12.00
C SER C 9 -40.65 17.94 12.81
N LEU C 10 -40.10 19.00 13.37
CA LEU C 10 -38.98 18.87 14.26
C LEU C 10 -39.37 18.00 15.48
N GLN C 11 -40.60 18.17 15.94
CA GLN C 11 -41.09 17.36 17.06
C GLN C 11 -41.11 15.90 16.65
N ASP C 12 -41.52 15.61 15.42
CA ASP C 12 -41.55 14.13 15.03
C ASP C 12 -40.12 13.55 15.07
N VAL C 13 -39.13 14.33 14.63
CA VAL C 13 -37.73 13.83 14.75
C VAL C 13 -37.38 13.64 16.27
N ALA C 14 -37.75 14.60 17.13
CA ALA C 14 -37.47 14.47 18.55
C ALA C 14 -38.13 13.21 19.11
N GLU C 15 -39.37 12.96 18.70
CA GLU C 15 -40.05 11.75 19.21
C GLU C 15 -39.47 10.46 18.74
N LEU C 16 -38.98 10.44 17.51
CA LEU C 16 -38.24 9.27 17.04
C LEU C 16 -37.02 8.96 17.93
N ILE C 17 -36.24 9.99 18.29
CA ILE C 17 -35.01 9.85 19.08
C ILE C 17 -35.41 9.49 20.50
N ARG C 18 -36.40 10.24 20.98
CA ARG C 18 -36.85 10.07 22.38
C ARG C 18 -37.30 8.59 22.61
N ALA C 19 -37.94 8.02 21.61
CA ALA C 19 -38.46 6.68 21.68
C ALA C 19 -37.36 5.66 21.48
N ARG C 20 -36.15 6.12 21.12
CA ARG C 20 -35.11 5.18 20.61
C ARG C 20 -35.51 4.39 19.36
N ALA C 21 -36.49 4.89 18.62
CA ALA C 21 -36.79 4.35 17.25
C ALA C 21 -35.64 4.76 16.29
N CYS C 22 -35.00 5.88 16.58
CA CYS C 22 -33.76 6.24 15.89
C CYS C 22 -32.65 6.06 16.90
N GLN C 23 -31.78 5.10 16.66
CA GLN C 23 -30.72 4.74 17.62
C GLN C 23 -29.31 4.68 17.02
N ARG C 24 -29.22 4.94 15.72
CA ARG C 24 -27.99 4.84 14.99
C ARG C 24 -27.86 6.13 14.19
N VAL C 25 -27.62 7.22 14.91
CA VAL C 25 -27.66 8.52 14.21
C VAL C 25 -26.32 8.81 13.57
N VAL C 26 -26.30 9.27 12.32
CA VAL C 26 -25.03 9.68 11.70
C VAL C 26 -25.19 11.16 11.52
N VAL C 27 -24.16 11.89 11.90
CA VAL C 27 -24.19 13.34 11.87
C VAL C 27 -23.14 13.85 10.88
N MET C 28 -23.49 14.87 10.08
CA MET C 28 -22.55 15.53 9.20
C MET C 28 -22.52 17.02 9.59
N VAL C 29 -21.31 17.58 9.81
CA VAL C 29 -21.22 18.98 10.24
C VAL C 29 -20.20 19.71 9.40
N GLY C 30 -20.32 21.04 9.34
CA GLY C 30 -19.26 21.87 8.71
C GLY C 30 -19.08 23.15 9.53
N ALA C 31 -18.55 24.17 8.83
CA ALA C 31 -18.03 25.33 9.55
C ALA C 31 -19.10 26.12 10.28
N GLY C 32 -20.35 25.97 9.81
CA GLY C 32 -21.46 26.64 10.46
C GLY C 32 -21.67 26.23 11.89
N ILE C 33 -21.30 25.02 12.30
CA ILE C 33 -21.34 24.73 13.74
C ILE C 33 -20.33 25.41 14.69
N SER C 34 -19.29 26.03 14.13
CA SER C 34 -18.23 26.66 14.91
C SER C 34 -18.23 28.23 14.82
N THR C 35 -19.03 28.79 13.93
CA THR C 35 -19.28 30.25 13.98
C THR C 35 -19.82 30.71 15.34
N PRO C 36 -20.67 29.89 16.05
CA PRO C 36 -21.03 30.34 17.39
C PRO C 36 -19.87 30.26 18.41
N SER C 37 -18.80 29.56 18.05
CA SER C 37 -17.60 29.52 18.91
C SER C 37 -16.59 30.61 18.53
N GLY C 38 -16.85 31.34 17.44
CA GLY C 38 -15.94 32.49 17.08
C GLY C 38 -15.06 32.15 15.88
N ILE C 39 -15.34 31.05 15.19
CA ILE C 39 -14.50 30.68 14.06
C ILE C 39 -15.27 30.94 12.75
N PRO C 40 -14.62 31.55 11.72
CA PRO C 40 -15.40 31.96 10.53
C PRO C 40 -15.72 30.76 9.67
N ASP C 41 -16.78 30.92 8.90
CA ASP C 41 -17.08 29.94 7.89
C ASP C 41 -16.55 30.46 6.51
N PHE C 42 -16.76 29.66 5.47
CA PHE C 42 -16.37 29.98 4.13
C PHE C 42 -17.43 30.67 3.27
N ARG C 43 -18.72 30.32 3.47
CA ARG C 43 -19.67 30.61 2.40
C ARG C 43 -20.88 31.45 2.80
N SER C 44 -20.99 31.85 4.05
CA SER C 44 -22.03 32.77 4.45
C SER C 44 -21.96 34.06 3.60
N PRO C 45 -23.10 34.52 3.02
CA PRO C 45 -22.99 35.70 2.15
C PRO C 45 -22.50 36.90 2.99
N GLY C 46 -21.62 37.73 2.44
CA GLY C 46 -21.13 38.90 3.17
C GLY C 46 -19.95 38.47 4.03
N SER C 47 -20.15 37.48 4.90
CA SER C 47 -19.19 37.24 5.97
C SER C 47 -18.21 36.13 5.77
N GLY C 48 -18.55 35.17 4.88
CA GLY C 48 -17.71 33.98 4.77
C GLY C 48 -16.35 34.30 4.17
N LEU C 49 -15.36 33.49 4.56
CA LEU C 49 -13.99 33.68 4.12
C LEU C 49 -13.87 33.79 2.61
N TYR C 50 -14.64 33.02 1.88
CA TYR C 50 -14.41 33.07 0.44
C TYR C 50 -14.85 34.41 -0.24
N SER C 51 -15.76 35.16 0.40
CA SER C 51 -16.19 36.49 -0.12
C SER C 51 -15.19 37.65 0.19
N ASN C 52 -14.07 37.33 0.84
CA ASN C 52 -13.27 38.37 1.50
C ASN C 52 -11.74 38.36 1.34
N LEU C 53 -11.26 37.77 0.25
CA LEU C 53 -9.80 37.59 0.07
C LEU C 53 -9.18 38.44 -1.06
N GLN C 54 -9.68 39.67 -1.24
CA GLN C 54 -9.17 40.57 -2.33
C GLN C 54 -7.66 40.73 -2.22
N LEU C 58 -3.96 35.55 -4.83
CA LEU C 58 -4.77 34.37 -5.26
C LEU C 58 -5.58 34.60 -6.55
N PRO C 59 -5.54 33.62 -7.49
CA PRO C 59 -6.38 33.66 -8.71
C PRO C 59 -7.86 33.32 -8.45
N TYR C 60 -8.15 32.68 -7.31
CA TYR C 60 -9.52 32.33 -6.87
C TYR C 60 -9.54 32.05 -5.36
N PRO C 61 -10.66 32.37 -4.67
CA PRO C 61 -10.62 32.41 -3.17
C PRO C 61 -10.09 31.13 -2.50
N GLU C 62 -10.54 29.96 -2.97
CA GLU C 62 -10.12 28.62 -2.46
C GLU C 62 -8.58 28.38 -2.38
N ALA C 63 -7.81 29.13 -3.18
CA ALA C 63 -6.34 29.02 -3.22
C ALA C 63 -5.70 29.22 -1.81
N ILE C 64 -6.33 30.04 -0.94
CA ILE C 64 -5.79 30.47 0.37
C ILE C 64 -5.15 29.35 1.21
N PHE C 65 -5.86 28.20 1.19
CA PHE C 65 -5.55 26.93 1.91
C PHE C 65 -5.20 25.82 0.93
N GLU C 66 -4.51 26.15 -0.15
CA GLU C 66 -4.09 25.14 -1.13
C GLU C 66 -2.66 24.84 -0.78
N LEU C 67 -2.26 23.61 -1.03
CA LEU C 67 -0.95 23.10 -0.57
C LEU C 67 0.29 23.83 -1.14
N PRO C 68 0.25 24.24 -2.44
CA PRO C 68 1.42 24.92 -2.99
C PRO C 68 1.74 26.30 -2.41
N PHE C 69 0.77 27.07 -1.95
CA PHE C 69 1.11 28.30 -1.19
C PHE C 69 1.77 28.02 0.15
N PHE C 70 1.27 26.98 0.84
CA PHE C 70 1.84 26.56 2.10
C PHE C 70 3.33 26.40 1.90
N PHE C 71 3.68 25.54 0.94
CA PHE C 71 5.07 25.51 0.47
C PHE C 71 5.33 26.86 -0.19
N HIS C 72 6.41 27.53 0.19
CA HIS C 72 6.74 28.88 -0.32
C HIS C 72 6.83 29.74 0.91
N ASN C 73 5.66 29.91 1.55
CA ASN C 73 5.56 30.62 2.80
C ASN C 73 4.60 29.93 3.77
N PRO C 74 5.15 29.15 4.72
CA PRO C 74 4.25 28.42 5.59
C PRO C 74 3.88 29.25 6.76
N LYS C 75 4.46 30.46 6.90
CA LYS C 75 4.32 31.23 8.15
C LYS C 75 2.84 31.61 8.48
N PRO C 76 2.06 32.09 7.48
CA PRO C 76 0.65 32.44 7.76
C PRO C 76 -0.14 31.23 8.24
N PHE C 77 -0.03 30.12 7.52
CA PHE C 77 -0.62 28.90 8.05
C PHE C 77 -0.24 28.61 9.51
N PHE C 78 1.03 28.67 9.88
CA PHE C 78 1.39 28.45 11.29
C PHE C 78 0.86 29.47 12.27
N THR C 79 0.80 30.73 11.84
CA THR C 79 0.13 31.73 12.70
C THR C 79 -1.37 31.43 12.93
N LEU C 80 -1.99 30.88 11.90
CA LEU C 80 -3.34 30.37 11.99
C LEU C 80 -3.37 29.15 12.92
N ALA C 81 -2.45 28.19 12.75
CA ALA C 81 -2.39 27.01 13.68
C ALA C 81 -2.27 27.46 15.14
N LYS C 82 -1.53 28.54 15.41
CA LYS C 82 -1.42 29.08 16.79
C LYS C 82 -2.82 29.46 17.33
N GLU C 83 -3.58 30.11 16.47
CA GLU C 83 -4.94 30.52 16.83
C GLU C 83 -5.87 29.27 16.95
N LEU C 84 -5.66 28.23 16.15
CA LEU C 84 -6.63 27.10 16.11
C LEU C 84 -6.22 25.84 16.92
N TYR C 85 -4.99 25.82 17.40
CA TYR C 85 -4.53 24.74 18.31
CA TYR C 85 -4.53 24.77 18.28
C TYR C 85 -5.43 24.64 19.52
N PRO C 86 -5.62 23.40 20.04
CA PRO C 86 -6.57 23.29 21.14
C PRO C 86 -6.30 24.16 22.34
N GLY C 87 -7.37 24.70 22.89
CA GLY C 87 -7.31 25.56 24.03
C GLY C 87 -7.89 26.93 23.83
N ASN C 88 -7.89 27.41 22.60
CA ASN C 88 -8.30 28.75 22.38
C ASN C 88 -9.82 28.86 22.18
N TYR C 89 -10.36 28.15 21.21
CA TYR C 89 -11.79 28.11 20.91
C TYR C 89 -12.41 27.01 21.74
N LYS C 90 -13.66 27.19 22.10
CA LYS C 90 -14.33 26.16 22.94
C LYS C 90 -15.58 25.65 22.20
N PRO C 91 -15.98 24.40 22.45
CA PRO C 91 -17.20 23.87 21.78
C PRO C 91 -18.37 24.68 22.26
N ASN C 92 -19.43 24.71 21.47
CA ASN C 92 -20.65 25.35 21.92
C ASN C 92 -21.77 24.31 22.12
N VAL C 93 -22.99 24.81 22.37
CA VAL C 93 -24.17 23.98 22.57
CA VAL C 93 -24.17 23.94 22.60
C VAL C 93 -24.33 22.93 21.43
N THR C 94 -24.00 23.29 20.20
CA THR C 94 -24.12 22.35 19.09
CA THR C 94 -24.19 22.33 19.13
C THR C 94 -23.26 21.13 19.34
N HIS C 95 -21.99 21.37 19.69
CA HIS C 95 -21.04 20.24 19.91
C HIS C 95 -21.53 19.45 21.16
N TYR C 96 -21.97 20.16 22.22
CA TYR C 96 -22.37 19.39 23.41
C TYR C 96 -23.63 18.55 23.16
N PHE C 97 -24.52 18.99 22.27
CA PHE C 97 -25.71 18.16 22.00
C PHE C 97 -25.22 16.84 21.36
N LEU C 98 -24.22 16.95 20.50
CA LEU C 98 -23.67 15.73 19.92
C LEU C 98 -22.97 14.81 20.94
N ARG C 99 -22.32 15.40 21.90
CA ARG C 99 -21.80 14.65 23.03
C ARG C 99 -22.98 13.93 23.80
N LEU C 100 -24.10 14.64 24.06
CA LEU C 100 -25.22 14.01 24.72
C LEU C 100 -25.74 12.83 23.94
N LEU C 101 -25.90 12.98 22.62
CA LEU C 101 -26.32 11.87 21.77
C LEU C 101 -25.39 10.68 21.94
N HIS C 102 -24.09 10.94 21.94
CA HIS C 102 -23.15 9.88 22.19
C HIS C 102 -23.33 9.26 23.60
N ASP C 103 -23.51 10.08 24.62
CA ASP C 103 -23.57 9.54 25.99
C ASP C 103 -24.81 8.70 26.17
N LYS C 104 -25.82 8.97 25.35
CA LYS C 104 -27.06 8.20 25.38
C LYS C 104 -27.01 6.94 24.56
N GLY C 105 -25.89 6.66 23.93
CA GLY C 105 -25.81 5.44 23.12
C GLY C 105 -26.45 5.56 21.75
N LEU C 106 -26.62 6.80 21.22
CA LEU C 106 -27.42 7.03 19.97
C LEU C 106 -26.56 7.48 18.79
N LEU C 107 -25.28 7.73 19.04
CA LEU C 107 -24.43 8.26 17.96
C LEU C 107 -23.67 7.15 17.23
N LEU C 108 -23.99 6.90 15.95
CA LEU C 108 -23.23 5.90 15.20
C LEU C 108 -21.87 6.53 14.82
N ARG C 109 -21.90 7.72 14.20
CA ARG C 109 -20.62 8.38 13.86
C ARG C 109 -20.88 9.85 13.50
N LEU C 110 -19.86 10.65 13.73
CA LEU C 110 -19.89 12.07 13.47
C LEU C 110 -18.84 12.39 12.44
N TYR C 111 -19.30 12.78 11.24
CA TYR C 111 -18.47 13.17 10.13
C TYR C 111 -18.29 14.70 10.18
N THR C 112 -17.04 15.16 10.31
CA THR C 112 -16.81 16.63 10.34
C THR C 112 -15.90 17.11 9.21
N GLN C 113 -16.24 18.27 8.65
CA GLN C 113 -15.36 19.00 7.72
C GLN C 113 -14.46 20.02 8.40
N ASN C 114 -14.60 20.14 9.71
CA ASN C 114 -13.87 21.21 10.41
C ASN C 114 -12.50 20.67 10.85
N ILE C 115 -11.52 21.55 10.88
CA ILE C 115 -10.18 21.19 11.46
C ILE C 115 -10.02 21.70 12.86
N ASP C 116 -11.04 22.40 13.37
CA ASP C 116 -10.92 23.08 14.66
C ASP C 116 -10.87 22.11 15.88
N GLY C 117 -11.19 20.83 15.63
CA GLY C 117 -11.08 19.80 16.66
C GLY C 117 -12.00 19.93 17.86
N LEU C 118 -13.09 20.73 17.69
CA LEU C 118 -13.93 21.01 18.85
C LEU C 118 -14.80 19.78 19.16
N GLU C 119 -14.98 18.83 18.19
CA GLU C 119 -15.78 17.63 18.50
C GLU C 119 -14.99 16.86 19.53
N ARG C 120 -13.70 16.63 19.23
CA ARG C 120 -12.92 15.98 20.29
C ARG C 120 -12.88 16.69 21.63
N VAL C 121 -12.65 18.01 21.57
CA VAL C 121 -12.72 18.82 22.84
C VAL C 121 -13.99 18.61 23.63
N SER C 122 -15.13 18.52 22.95
CA SER C 122 -16.40 18.36 23.63
C SER C 122 -16.58 16.95 24.21
N GLY C 123 -15.59 16.10 23.93
CA GLY C 123 -15.55 14.75 24.50
C GLY C 123 -16.10 13.61 23.69
N ILE C 124 -16.22 13.81 22.37
CA ILE C 124 -16.62 12.68 21.51
CA ILE C 124 -16.62 12.69 21.48
C ILE C 124 -15.39 11.80 21.30
N PRO C 125 -15.50 10.49 21.59
CA PRO C 125 -14.36 9.58 21.44
C PRO C 125 -13.82 9.53 19.98
N ALA C 126 -12.52 9.40 19.83
CA ALA C 126 -11.92 9.31 18.51
C ALA C 126 -12.64 8.28 17.66
N SER C 127 -13.08 7.15 18.26
CA SER C 127 -13.62 6.03 17.48
C SER C 127 -15.00 6.41 16.85
N LYS C 128 -15.65 7.43 17.42
CA LYS C 128 -16.93 7.91 16.88
CA LYS C 128 -16.94 7.96 16.92
C LYS C 128 -16.82 9.05 15.87
N LEU C 129 -15.59 9.50 15.59
CA LEU C 129 -15.43 10.71 14.76
C LEU C 129 -14.74 10.37 13.47
N VAL C 130 -15.13 11.02 12.39
CA VAL C 130 -14.34 10.95 11.17
C VAL C 130 -14.05 12.41 10.86
N GLU C 131 -12.78 12.76 11.06
CA GLU C 131 -12.33 14.12 10.82
C GLU C 131 -11.89 14.18 9.38
N ALA C 132 -12.86 14.45 8.52
CA ALA C 132 -12.71 14.27 7.09
C ALA C 132 -11.73 15.25 6.46
N HIS C 133 -11.45 16.37 7.13
CA HIS C 133 -10.38 17.25 6.65
C HIS C 133 -9.13 17.22 7.52
N GLY C 134 -9.01 16.16 8.34
CA GLY C 134 -7.84 15.98 9.15
C GLY C 134 -7.89 16.76 10.44
N THR C 135 -6.75 16.90 11.05
CA THR C 135 -6.63 17.29 12.44
C THR C 135 -5.26 17.87 12.79
N PHE C 136 -5.22 18.76 13.80
CA PHE C 136 -3.98 19.21 14.48
C PHE C 136 -3.43 18.20 15.52
N ALA C 137 -4.16 17.11 15.75
CA ALA C 137 -3.70 16.08 16.76
C ALA C 137 -2.45 15.35 16.28
N SER C 138 -2.19 15.39 14.96
CA SER C 138 -0.98 14.74 14.43
C SER C 138 -0.36 15.58 13.30
N ALA C 139 0.92 15.33 13.02
CA ALA C 139 1.64 16.09 11.98
C ALA C 139 2.61 15.16 11.23
N THR C 140 3.06 15.61 10.06
CA THR C 140 3.93 14.78 9.23
C THR C 140 5.06 15.64 8.63
N CYS C 141 6.31 15.19 8.71
CA CYS C 141 7.37 15.87 7.95
C CYS C 141 7.04 15.91 6.42
N THR C 142 7.03 17.12 5.85
CA THR C 142 6.76 17.26 4.40
C THR C 142 7.93 16.67 3.54
N VAL C 143 9.10 16.38 4.14
CA VAL C 143 10.25 15.81 3.38
C VAL C 143 10.37 14.27 3.53
N CYS C 144 10.60 13.81 4.76
CA CYS C 144 10.85 12.40 4.93
C CYS C 144 9.59 11.62 5.32
N GLN C 145 8.45 12.31 5.48
CA GLN C 145 7.16 11.67 5.81
C GLN C 145 7.08 11.06 7.23
N ARG C 146 8.04 11.30 8.09
CA ARG C 146 7.92 10.80 9.49
C ARG C 146 6.66 11.37 10.19
N PRO C 147 5.83 10.51 10.81
CA PRO C 147 4.66 11.08 11.55
C PRO C 147 5.04 11.55 12.95
N PHE C 148 4.29 12.53 13.52
CA PHE C 148 4.55 13.06 14.87
C PHE C 148 3.20 13.32 15.51
N PRO C 149 3.10 13.10 16.82
CA PRO C 149 1.89 13.57 17.53
C PRO C 149 1.86 15.11 17.47
N GLY C 150 0.67 15.70 17.47
CA GLY C 150 0.57 17.18 17.29
C GLY C 150 1.16 17.90 18.49
N GLU C 151 1.22 17.17 19.61
CA GLU C 151 1.85 17.74 20.83
C GLU C 151 3.30 18.16 20.59
N ASP C 152 3.98 17.48 19.66
CA ASP C 152 5.41 17.69 19.43
C ASP C 152 5.74 19.05 18.81
N ILE C 153 4.80 19.61 18.05
CA ILE C 153 5.04 20.97 17.44
C ILE C 153 4.33 22.12 18.17
N ARG C 154 3.65 21.82 19.28
CA ARG C 154 2.91 22.80 20.00
C ARG C 154 3.84 23.98 20.46
N ALA C 155 4.98 23.65 21.04
CA ALA C 155 5.92 24.65 21.59
C ALA C 155 6.36 25.59 20.43
N ASP C 156 6.74 25.02 19.31
CA ASP C 156 7.14 25.83 18.14
C ASP C 156 6.01 26.75 17.67
N VAL C 157 4.86 26.12 17.44
CA VAL C 157 3.72 26.84 16.95
C VAL C 157 3.39 28.02 17.87
N MET C 158 3.41 27.77 19.19
CA MET C 158 2.98 28.80 20.16
C MET C 158 4.05 29.91 20.23
N ALA C 159 5.26 29.59 19.75
CA ALA C 159 6.39 30.51 19.86
C ALA C 159 6.64 31.25 18.54
N ASP C 160 5.75 31.02 17.57
CA ASP C 160 5.89 31.48 16.19
C ASP C 160 7.23 31.02 15.66
N ARG C 161 7.53 29.76 15.89
CA ARG C 161 8.68 29.17 15.19
C ARG C 161 8.14 28.09 14.27
N VAL C 162 8.66 28.00 13.04
CA VAL C 162 8.13 27.11 12.06
C VAL C 162 8.66 25.72 12.45
N PRO C 163 7.74 24.77 12.68
CA PRO C 163 8.28 23.47 13.18
C PRO C 163 9.07 22.66 12.14
N ARG C 164 10.23 22.14 12.56
CA ARG C 164 11.12 21.35 11.66
C ARG C 164 11.47 19.96 12.23
N CYS C 165 11.70 19.03 11.29
CA CYS C 165 11.85 17.61 11.56
C CYS C 165 13.21 17.34 12.30
N PRO C 166 13.16 16.61 13.41
CA PRO C 166 14.40 16.39 14.17
C PRO C 166 15.32 15.50 13.37
N VAL C 167 14.74 14.74 12.44
CA VAL C 167 15.53 13.83 11.65
C VAL C 167 16.15 14.49 10.42
N CYS C 168 15.34 15.13 9.57
CA CYS C 168 15.86 15.70 8.27
C CYS C 168 15.79 17.23 8.16
N THR C 169 15.27 17.89 9.21
CA THR C 169 15.03 19.37 9.27
C THR C 169 13.93 19.88 8.31
N GLY C 170 13.23 18.97 7.61
CA GLY C 170 12.06 19.32 6.75
C GLY C 170 10.99 20.07 7.55
N VAL C 171 10.18 20.89 6.87
CA VAL C 171 9.06 21.57 7.57
C VAL C 171 8.06 20.49 8.05
N VAL C 172 7.68 20.53 9.32
CA VAL C 172 6.63 19.58 9.79
C VAL C 172 5.21 20.18 9.65
N LYS C 173 4.33 19.53 8.89
CA LYS C 173 2.96 20.11 8.64
C LYS C 173 1.89 19.32 9.39
N PRO C 174 0.96 20.04 10.07
CA PRO C 174 -0.23 19.41 10.69
C PRO C 174 -0.98 18.58 9.67
N ASP C 175 -1.57 17.45 10.10
CA ASP C 175 -2.22 16.52 9.17
C ASP C 175 -3.65 17.06 8.78
N ILE C 176 -3.66 18.24 8.20
CA ILE C 176 -4.87 18.89 7.66
C ILE C 176 -4.93 18.60 6.15
N VAL C 177 -6.12 18.35 5.66
CA VAL C 177 -6.38 18.16 4.24
C VAL C 177 -6.61 19.53 3.63
N PHE C 178 -5.60 20.02 2.93
CA PHE C 178 -5.65 21.31 2.23
C PHE C 178 -6.57 21.27 1.02
N PHE C 179 -7.06 22.44 0.56
CA PHE C 179 -8.12 22.44 -0.49
C PHE C 179 -7.63 21.60 -1.69
N GLY C 180 -8.49 20.71 -2.20
CA GLY C 180 -8.12 19.86 -3.34
C GLY C 180 -7.29 18.62 -3.04
N GLU C 181 -6.76 18.47 -1.82
CA GLU C 181 -5.92 17.26 -1.49
C GLU C 181 -6.84 16.07 -1.18
N PRO C 182 -6.29 14.82 -1.14
CA PRO C 182 -7.20 13.67 -0.92
C PRO C 182 -7.60 13.52 0.54
N LEU C 183 -8.79 12.99 0.73
CA LEU C 183 -9.28 12.80 2.10
C LEU C 183 -8.53 11.68 2.85
N PRO C 184 -8.53 11.72 4.18
CA PRO C 184 -7.96 10.59 4.96
C PRO C 184 -8.62 9.26 4.58
N GLN C 185 -7.87 8.17 4.65
CA GLN C 185 -8.43 6.83 4.38
C GLN C 185 -9.63 6.54 5.30
N ARG C 186 -9.61 7.12 6.48
CA ARG C 186 -10.68 6.88 7.43
C ARG C 186 -12.09 7.39 6.99
N PHE C 187 -12.11 8.31 6.02
CA PHE C 187 -13.34 8.82 5.41
C PHE C 187 -14.17 7.63 4.85
N LEU C 188 -13.45 6.60 4.37
CA LEU C 188 -14.11 5.43 3.76
C LEU C 188 -14.98 4.64 4.72
N LEU C 189 -14.90 4.91 6.04
CA LEU C 189 -15.91 4.37 6.93
C LEU C 189 -17.34 4.74 6.50
N HIS C 190 -17.49 5.77 5.66
CA HIS C 190 -18.85 6.11 5.19
C HIS C 190 -19.53 4.91 4.49
N VAL C 191 -18.76 4.02 3.87
CA VAL C 191 -19.40 2.94 3.12
C VAL C 191 -20.19 1.97 4.02
N VAL C 192 -19.81 1.91 5.28
CA VAL C 192 -20.59 1.09 6.23
C VAL C 192 -21.53 1.94 7.11
N ASP C 193 -21.11 3.14 7.46
CA ASP C 193 -21.98 3.95 8.37
C ASP C 193 -23.24 4.41 7.68
N PHE C 194 -23.16 4.84 6.42
CA PHE C 194 -24.33 5.50 5.87
C PHE C 194 -25.51 4.53 5.60
N PRO C 195 -25.25 3.28 5.13
CA PRO C 195 -26.36 2.32 5.05
C PRO C 195 -26.91 1.90 6.42
N MET C 196 -26.12 2.06 7.47
CA MET C 196 -26.58 1.67 8.82
C MET C 196 -27.42 2.75 9.49
N ALA C 197 -27.21 4.01 9.08
CA ALA C 197 -27.87 5.13 9.73
C ALA C 197 -29.39 4.94 9.77
N ASP C 198 -30.01 5.19 10.92
CA ASP C 198 -31.46 5.25 10.97
C ASP C 198 -31.99 6.72 11.13
N LEU C 199 -31.06 7.67 11.18
CA LEU C 199 -31.40 9.12 11.09
C LEU C 199 -30.17 9.82 10.65
N LEU C 200 -30.31 10.80 9.75
CA LEU C 200 -29.15 11.58 9.32
C LEU C 200 -29.38 13.00 9.85
N LEU C 201 -28.42 13.54 10.60
CA LEU C 201 -28.50 14.98 11.05
C LEU C 201 -27.43 15.75 10.34
N ILE C 202 -27.79 16.92 9.73
CA ILE C 202 -26.81 17.67 8.96
C ILE C 202 -26.82 19.08 9.60
N LEU C 203 -25.68 19.55 10.06
CA LEU C 203 -25.64 20.85 10.76
CA LEU C 203 -25.60 20.79 10.83
C LEU C 203 -24.57 21.77 10.24
N GLY C 204 -24.98 23.00 9.95
CA GLY C 204 -23.94 24.05 9.69
C GLY C 204 -23.02 23.73 8.50
N THR C 205 -23.56 23.29 7.37
CA THR C 205 -22.71 23.06 6.21
C THR C 205 -23.48 23.44 4.97
N SER C 206 -22.78 24.02 4.01
CA SER C 206 -23.45 24.44 2.80
C SER C 206 -23.61 23.28 1.81
N LEU C 207 -23.01 22.12 2.11
CA LEU C 207 -23.09 20.91 1.23
C LEU C 207 -22.68 21.29 -0.23
N GLU C 208 -21.66 22.16 -0.38
CA GLU C 208 -21.20 22.54 -1.73
C GLU C 208 -20.02 21.70 -2.11
N VAL C 209 -19.33 21.12 -1.14
CA VAL C 209 -18.06 20.48 -1.46
C VAL C 209 -18.25 18.98 -1.48
N GLU C 210 -17.77 18.36 -2.56
CA GLU C 210 -17.81 16.92 -2.78
C GLU C 210 -16.48 16.33 -2.42
N PRO C 211 -16.45 15.03 -2.09
CA PRO C 211 -17.51 14.02 -2.06
C PRO C 211 -18.30 14.10 -0.73
N PHE C 212 -17.94 15.04 0.13
CA PHE C 212 -18.63 15.09 1.40
C PHE C 212 -20.11 15.38 1.24
N ALA C 213 -20.47 16.34 0.39
CA ALA C 213 -21.86 16.67 0.21
C ALA C 213 -22.72 15.49 -0.18
N SER C 214 -22.36 14.77 -1.27
CA SER C 214 -23.26 13.68 -1.69
C SER C 214 -23.40 12.50 -0.71
N LEU C 215 -22.73 12.55 0.45
CA LEU C 215 -23.02 11.57 1.51
C LEU C 215 -24.45 11.70 1.95
N THR C 216 -25.05 12.91 1.86
CA THR C 216 -26.48 13.02 2.26
C THR C 216 -27.41 12.08 1.49
N GLU C 217 -26.99 11.64 0.29
CA GLU C 217 -27.79 10.72 -0.54
C GLU C 217 -27.53 9.26 -0.22
N ALA C 218 -26.48 9.00 0.58
CA ALA C 218 -26.02 7.61 0.82
C ALA C 218 -26.79 6.93 1.93
N VAL C 219 -27.59 7.68 2.70
CA VAL C 219 -28.54 6.96 3.60
C VAL C 219 -29.69 6.30 2.83
N ARG C 220 -30.32 5.30 3.43
CA ARG C 220 -31.40 4.57 2.77
C ARG C 220 -32.59 5.51 2.54
N SER C 221 -33.44 5.20 1.56
CA SER C 221 -34.34 6.24 1.16
C SER C 221 -35.53 6.45 2.14
N SER C 222 -35.75 5.55 3.09
CA SER C 222 -36.76 5.76 4.16
C SER C 222 -36.25 6.50 5.42
N VAL C 223 -34.95 6.78 5.47
CA VAL C 223 -34.30 7.42 6.62
C VAL C 223 -34.55 8.94 6.67
N PRO C 224 -35.13 9.44 7.76
CA PRO C 224 -35.30 10.90 7.91
C PRO C 224 -33.97 11.61 7.90
N ARG C 225 -33.94 12.79 7.26
CA ARG C 225 -32.76 13.65 7.18
C ARG C 225 -33.15 15.00 7.77
N LEU C 226 -32.50 15.41 8.86
CA LEU C 226 -32.80 16.69 9.50
C LEU C 226 -31.64 17.63 9.25
N LEU C 227 -31.91 18.73 8.52
CA LEU C 227 -30.98 19.86 8.38
C LEU C 227 -31.25 20.95 9.41
N ILE C 228 -30.20 21.35 10.07
CA ILE C 228 -30.24 22.51 10.94
C ILE C 228 -29.20 23.45 10.42
N ASN C 229 -29.65 24.56 9.82
CA ASN C 229 -28.74 25.41 9.06
C ASN C 229 -29.44 26.71 8.77
N ARG C 230 -28.68 27.69 8.39
CA ARG C 230 -29.31 29.00 8.00
C ARG C 230 -30.29 28.86 6.87
N ASP C 231 -29.88 28.09 5.87
CA ASP C 231 -30.59 27.97 4.62
C ASP C 231 -30.72 26.55 4.22
N LEU C 232 -31.70 26.31 3.35
CA LEU C 232 -31.88 24.98 2.82
C LEU C 232 -30.83 24.75 1.68
N VAL C 233 -30.07 23.65 1.71
CA VAL C 233 -28.92 23.55 0.83
C VAL C 233 -28.76 22.20 0.23
N GLY C 234 -27.97 22.17 -0.84
CA GLY C 234 -27.45 20.93 -1.46
C GLY C 234 -28.56 19.96 -1.81
N PRO C 235 -28.30 18.66 -1.68
CA PRO C 235 -29.34 17.67 -2.03
C PRO C 235 -30.62 17.80 -1.21
N LEU C 236 -30.59 18.50 -0.08
CA LEU C 236 -31.83 18.72 0.66
C LEU C 236 -32.71 19.72 -0.04
N ALA C 237 -32.09 20.65 -0.79
CA ALA C 237 -32.84 21.61 -1.57
C ALA C 237 -33.20 20.96 -2.94
N TRP C 238 -32.25 20.27 -3.58
CA TRP C 238 -32.48 19.89 -4.98
C TRP C 238 -33.05 18.51 -5.15
N HIS C 239 -32.86 17.66 -4.15
CA HIS C 239 -33.33 16.28 -4.21
C HIS C 239 -34.06 15.92 -2.93
N PRO C 240 -35.18 16.58 -2.62
CA PRO C 240 -35.81 16.30 -1.32
C PRO C 240 -36.40 14.91 -1.26
N ARG C 241 -36.45 14.36 -0.06
CA ARG C 241 -37.00 13.05 0.18
C ARG C 241 -38.14 13.25 1.10
N SER C 242 -38.98 12.22 1.11
CA SER C 242 -40.23 12.21 1.85
C SER C 242 -40.16 12.53 3.39
N ARG C 243 -39.09 12.10 4.04
CA ARG C 243 -38.95 12.27 5.50
C ARG C 243 -37.86 13.29 5.83
N ASP C 244 -37.62 14.26 4.95
CA ASP C 244 -36.66 15.32 5.25
C ASP C 244 -37.37 16.38 6.10
N VAL C 245 -36.60 17.02 6.96
CA VAL C 245 -37.03 18.09 7.85
C VAL C 245 -35.94 19.14 7.77
N ALA C 246 -36.33 20.40 7.63
CA ALA C 246 -35.36 21.47 7.73
C ALA C 246 -35.75 22.39 8.88
N GLN C 247 -34.78 22.70 9.72
CA GLN C 247 -35.05 23.66 10.79
C GLN C 247 -34.15 24.83 10.43
N LEU C 248 -34.70 25.88 9.85
CA LEU C 248 -33.80 26.90 9.26
C LEU C 248 -33.68 28.09 10.17
N GLY C 249 -32.47 28.64 10.30
CA GLY C 249 -32.26 29.71 11.28
C GLY C 249 -30.92 29.44 11.99
N ASP C 250 -30.69 30.09 13.13
CA ASP C 250 -29.43 29.97 13.79
C ASP C 250 -29.27 28.50 14.24
N VAL C 251 -28.04 27.96 14.16
CA VAL C 251 -27.90 26.51 14.48
C VAL C 251 -28.02 26.26 15.97
N VAL C 252 -27.53 27.19 16.79
CA VAL C 252 -27.70 27.01 18.29
C VAL C 252 -29.18 27.03 18.63
N HIS C 253 -29.90 28.03 18.13
CA HIS C 253 -31.36 28.11 18.28
C HIS C 253 -32.04 26.81 17.82
N GLY C 254 -31.67 26.30 16.66
CA GLY C 254 -32.38 25.09 16.19
C GLY C 254 -32.03 23.88 17.02
N VAL C 255 -30.76 23.76 17.44
CA VAL C 255 -30.39 22.65 18.39
C VAL C 255 -31.12 22.78 19.72
N GLU C 256 -31.17 23.99 20.31
CA GLU C 256 -31.92 24.20 21.57
C GLU C 256 -33.44 23.88 21.40
N SER C 257 -34.01 24.20 20.22
CA SER C 257 -35.45 23.81 19.94
C SER C 257 -35.64 22.26 19.97
N LEU C 258 -34.72 21.55 19.36
CA LEU C 258 -34.75 20.06 19.33
C LEU C 258 -34.55 19.44 20.69
N VAL C 259 -33.58 19.98 21.43
CA VAL C 259 -33.31 19.57 22.82
C VAL C 259 -34.54 19.75 23.74
N GLU C 260 -35.25 20.86 23.55
CA GLU C 260 -36.49 21.10 24.31
C GLU C 260 -37.53 20.09 23.93
N LEU C 261 -37.66 19.82 22.66
CA LEU C 261 -38.71 18.84 22.21
C LEU C 261 -38.31 17.45 22.62
N LEU C 262 -36.99 17.21 22.74
CA LEU C 262 -36.51 15.93 23.35
C LEU C 262 -36.80 15.71 24.83
N GLY C 263 -37.02 16.81 25.55
CA GLY C 263 -37.12 16.76 27.03
C GLY C 263 -35.72 16.76 27.69
N TRP C 264 -34.70 17.22 26.96
CA TRP C 264 -33.33 17.11 27.46
C TRP C 264 -32.77 18.46 27.86
N THR C 265 -33.60 19.49 27.99
CA THR C 265 -32.98 20.84 28.26
C THR C 265 -32.26 20.89 29.59
N GLU C 266 -32.83 20.35 30.65
CA GLU C 266 -32.11 20.42 31.95
C GLU C 266 -30.78 19.65 31.91
N GLU C 267 -30.82 18.51 31.25
CA GLU C 267 -29.62 17.74 31.13
C GLU C 267 -28.54 18.41 30.28
N MET C 268 -28.95 19.05 29.17
CA MET C 268 -27.98 19.91 28.40
C MET C 268 -27.39 21.02 29.29
N ARG C 269 -28.24 21.69 30.06
CA ARG C 269 -27.74 22.80 30.90
C ARG C 269 -26.72 22.27 31.90
N ASP C 270 -27.00 21.15 32.49
CA ASP C 270 -26.11 20.60 33.48
CA ASP C 270 -26.14 20.54 33.48
C ASP C 270 -24.80 20.15 32.87
N LEU C 271 -24.87 19.55 31.67
CA LEU C 271 -23.71 19.11 30.93
C LEU C 271 -22.81 20.30 30.62
N VAL C 272 -23.40 21.34 30.05
CA VAL C 272 -22.62 22.51 29.67
C VAL C 272 -21.98 23.19 30.87
N GLN C 273 -22.74 23.32 31.95
CA GLN C 273 -22.17 23.91 33.14
C GLN C 273 -21.04 23.11 33.76
N ARG C 274 -21.17 21.78 33.77
CA ARG C 274 -20.10 20.97 34.24
C ARG C 274 -18.84 20.95 33.37
N GLU C 275 -19.03 21.03 32.05
CA GLU C 275 -17.93 21.00 31.09
C GLU C 275 -17.23 22.35 31.08
N THR C 276 -17.97 23.45 31.23
CA THR C 276 -17.29 24.75 31.24
C THR C 276 -16.85 25.16 32.67
N GLY C 277 -17.25 24.38 33.69
CA GLY C 277 -17.09 24.70 35.11
C GLY C 277 -17.78 25.96 35.64
N LYS C 278 -18.67 26.58 34.85
CA LYS C 278 -19.54 27.64 35.39
C LYS C 278 -20.77 27.06 36.13
#